data_6NAN
#
_entry.id   6NAN
#
_entity_poly.entity_id   1
_entity_poly.type   'polypeptide(L)'
_entity_poly.pdbx_seq_one_letter_code
;AERVSEMDIYEFESWVSCLDPEQVTCESQEGTHASYNRKTGQCEEQKGTECGGGENHFETLLKCNESCNDAPKPPCSLEV
DYGVGRANIPRWYYDTNNATCEMFTYGGITGNKNNFESEEECKETCKGFSLLKKVNVTIN
;
_entity_poly.pdbx_strand_id   A
#
# COMPACT_ATOMS: atom_id res chain seq x y z
N GLU A 13 0.03 15.95 -7.01
CA GLU A 13 0.71 14.67 -7.10
C GLU A 13 0.96 14.07 -5.73
N SER A 14 -0.11 13.62 -5.09
CA SER A 14 -0.02 13.10 -3.73
C SER A 14 0.70 11.76 -3.69
N TRP A 15 0.79 11.11 -4.85
CA TRP A 15 1.52 9.85 -4.97
C TRP A 15 3.00 10.04 -4.68
N VAL A 16 3.46 11.29 -4.78
CA VAL A 16 4.83 11.63 -4.42
C VAL A 16 5.08 11.43 -2.93
N SER A 17 4.14 11.88 -2.11
CA SER A 17 4.21 11.69 -0.67
C SER A 17 4.30 10.20 -0.32
N CYS A 18 3.52 9.39 -1.02
CA CYS A 18 3.57 7.95 -0.84
C CYS A 18 4.98 7.42 -0.98
N LEU A 19 5.69 7.91 -2.00
CA LEU A 19 7.02 7.39 -2.31
C LEU A 19 8.10 8.25 -1.67
N ASP A 20 7.71 9.08 -0.71
CA ASP A 20 8.67 9.85 0.07
C ASP A 20 9.04 9.13 1.37
N PRO A 21 10.16 9.55 1.96
CA PRO A 21 10.58 9.01 3.24
C PRO A 21 9.47 9.10 4.29
N GLU A 22 9.33 8.07 5.09
CA GLU A 22 8.23 7.98 6.04
C GLU A 22 8.20 9.18 6.98
N GLN A 23 7.00 9.65 7.30
CA GLN A 23 6.83 10.67 8.33
C GLN A 23 7.21 10.13 9.71
N VAL A 24 8.02 10.90 10.43
CA VAL A 24 8.45 10.50 11.76
C VAL A 24 7.37 10.75 12.80
N THR A 25 7.16 9.79 13.68
CA THR A 25 6.14 9.91 14.71
C THR A 25 6.50 10.96 15.75
N CYS A 26 5.51 11.38 16.53
CA CYS A 26 5.69 12.47 17.47
C CYS A 26 4.92 12.22 18.76
N GLU A 27 5.56 12.52 19.89
CA GLU A 27 4.95 12.28 21.20
C GLU A 27 4.42 13.56 21.81
N SER A 28 4.32 14.61 20.99
CA SER A 28 3.80 15.88 21.44
C SER A 28 2.27 15.89 21.42
N GLN A 29 1.69 15.56 20.28
CA GLN A 29 0.25 15.56 20.12
C GLN A 29 -0.31 14.14 20.13
N GLU A 30 -1.61 14.01 20.37
CA GLU A 30 -2.27 12.72 20.39
C GLU A 30 -2.91 12.40 19.05
N GLY A 31 -2.81 13.34 18.11
CA GLY A 31 -3.39 13.16 16.79
C GLY A 31 -2.62 12.12 15.98
N THR A 32 -3.33 11.39 15.13
CA THR A 32 -2.71 10.34 14.32
C THR A 32 -2.85 10.65 12.83
N HIS A 33 -2.09 9.93 12.02
CA HIS A 33 -2.13 10.13 10.56
C HIS A 33 -1.75 8.85 9.83
N ALA A 34 -2.04 8.81 8.53
CA ALA A 34 -1.68 7.67 7.71
C ALA A 34 -0.35 7.90 6.99
N SER A 35 0.41 6.83 6.80
CA SER A 35 1.69 6.92 6.09
C SER A 35 2.03 5.59 5.43
N TYR A 36 2.59 5.67 4.23
CA TYR A 36 2.98 4.47 3.49
C TYR A 36 4.32 3.92 4.00
N ASN A 37 4.26 2.77 4.66
CA ASN A 37 5.44 2.14 5.22
C ASN A 37 6.11 1.23 4.19
N ARG A 38 7.29 1.64 3.72
CA ARG A 38 7.96 0.94 2.63
C ARG A 38 8.49 -0.42 3.09
N LYS A 39 8.60 -0.58 4.40
CA LYS A 39 9.12 -1.81 4.98
C LYS A 39 8.08 -2.92 4.95
N THR A 40 6.81 -2.53 4.83
CA THR A 40 5.71 -3.49 4.82
C THR A 40 4.90 -3.40 3.53
N GLY A 41 5.06 -2.29 2.82
CA GLY A 41 4.43 -2.11 1.53
C GLY A 41 2.94 -1.83 1.68
N GLN A 42 2.59 -1.02 2.67
CA GLN A 42 1.20 -0.72 2.97
C GLN A 42 1.08 0.59 3.75
N CYS A 43 -0.13 1.15 3.74
CA CYS A 43 -0.40 2.36 4.50
C CYS A 43 -0.78 2.04 5.94
N GLU A 44 -0.12 2.71 6.89
CA GLU A 44 -0.32 2.42 8.31
C GLU A 44 -0.60 3.68 9.10
N GLU A 45 -1.42 3.56 10.14
CA GLU A 45 -1.74 4.70 11.00
C GLU A 45 -0.74 4.84 12.13
N GLN A 46 -0.30 6.07 12.39
CA GLN A 46 0.69 6.34 13.42
C GLN A 46 0.45 7.69 14.07
N LYS A 47 0.88 7.83 15.32
CA LYS A 47 0.65 9.05 16.08
C LYS A 47 1.76 10.06 15.86
N GLY A 48 1.38 11.30 15.56
CA GLY A 48 2.36 12.38 15.38
C GLY A 48 1.80 13.48 14.48
N THR A 49 2.40 14.66 14.57
CA THR A 49 1.95 15.80 13.79
C THR A 49 3.12 16.50 13.09
N GLU A 50 3.70 15.81 12.11
CA GLU A 50 4.68 16.44 11.23
C GLU A 50 5.90 16.91 12.01
N CYS A 51 6.29 16.12 13.01
CA CYS A 51 7.48 16.42 13.80
C CYS A 51 8.73 15.85 13.14
N GLY A 52 9.06 16.38 11.96
CA GLY A 52 10.25 15.95 11.25
C GLY A 52 9.96 14.74 10.37
N GLY A 53 10.93 14.39 9.52
CA GLY A 53 10.77 13.27 8.60
C GLY A 53 10.52 13.77 7.18
N GLY A 54 9.92 12.91 6.36
CA GLY A 54 9.60 13.26 4.97
C GLY A 54 8.19 13.81 4.86
N GLU A 55 7.68 13.82 3.63
CA GLU A 55 6.32 14.29 3.38
C GLU A 55 5.33 13.12 3.31
N ASN A 56 5.80 11.94 3.70
CA ASN A 56 5.00 10.73 3.60
C ASN A 56 3.99 10.65 4.75
N HIS A 57 2.90 11.39 4.62
CA HIS A 57 1.79 11.29 5.57
C HIS A 57 0.50 11.81 4.94
N PHE A 58 -0.63 11.27 5.40
CA PHE A 58 -1.92 11.54 4.78
C PHE A 58 -3.00 11.75 5.83
N GLU A 59 -4.10 12.40 5.43
CA GLU A 59 -5.19 12.69 6.34
C GLU A 59 -5.82 11.40 6.89
N THR A 60 -5.92 10.40 6.02
CA THR A 60 -6.47 9.10 6.42
C THR A 60 -5.93 7.98 5.54
N LEU A 61 -6.30 6.75 5.87
CA LEU A 61 -5.73 5.58 5.20
C LEU A 61 -6.21 5.49 3.76
N LEU A 62 -7.45 5.90 3.52
CA LEU A 62 -8.03 5.88 2.17
C LEU A 62 -7.28 6.83 1.24
N LYS A 63 -6.93 8.00 1.76
CA LYS A 63 -6.16 8.97 0.99
C LYS A 63 -4.77 8.45 0.67
N CYS A 64 -4.16 7.79 1.64
CA CYS A 64 -2.86 7.15 1.43
C CYS A 64 -2.96 6.06 0.37
N ASN A 65 -3.93 5.18 0.51
CA ASN A 65 -4.10 4.05 -0.40
C ASN A 65 -4.30 4.54 -1.83
N GLU A 66 -5.16 5.53 -2.01
CA GLU A 66 -5.44 6.08 -3.33
C GLU A 66 -4.20 6.74 -3.92
N SER A 67 -3.46 7.44 -3.09
CA SER A 67 -2.22 8.09 -3.52
C SER A 67 -1.20 7.06 -3.99
N CYS A 68 -1.12 5.95 -3.28
CA CYS A 68 -0.16 4.90 -3.60
C CYS A 68 -0.65 4.04 -4.77
N ASN A 69 -1.96 4.09 -5.02
CA ASN A 69 -2.52 3.47 -6.21
C ASN A 69 -2.22 4.30 -7.45
N ASP A 70 -2.12 5.61 -7.27
CA ASP A 70 -1.78 6.51 -8.37
C ASP A 70 -0.27 6.59 -8.57
N ALA A 71 0.47 6.00 -7.64
CA ALA A 71 1.93 5.96 -7.74
C ALA A 71 2.39 5.06 -8.89
N PRO A 72 3.49 5.42 -9.50
CA PRO A 72 4.02 4.67 -10.64
C PRO A 72 4.67 3.36 -10.18
N LYS A 73 4.89 3.24 -8.88
CA LYS A 73 5.49 2.05 -8.32
C LYS A 73 4.72 0.79 -8.72
N PRO A 74 5.42 -0.15 -9.34
CA PRO A 74 4.81 -1.39 -9.79
C PRO A 74 4.11 -2.11 -8.63
N PRO A 75 2.99 -2.75 -8.93
CA PRO A 75 2.23 -3.48 -7.91
C PRO A 75 3.02 -4.68 -7.40
N CYS A 76 3.95 -5.17 -8.22
CA CYS A 76 4.76 -6.33 -7.85
C CYS A 76 5.86 -5.94 -6.88
N SER A 77 6.00 -4.64 -6.63
CA SER A 77 6.97 -4.14 -5.67
C SER A 77 6.34 -3.98 -4.29
N LEU A 78 5.08 -4.35 -4.18
CA LEU A 78 4.37 -4.28 -2.90
C LEU A 78 3.98 -5.67 -2.42
N GLU A 79 3.80 -5.82 -1.11
CA GLU A 79 3.51 -7.11 -0.51
C GLU A 79 2.02 -7.44 -0.60
N VAL A 80 1.69 -8.71 -0.40
CA VAL A 80 0.31 -9.16 -0.47
C VAL A 80 -0.54 -8.50 0.61
N ASP A 81 -1.67 -7.94 0.20
CA ASP A 81 -2.61 -7.33 1.14
C ASP A 81 -4.04 -7.48 0.67
N TYR A 82 -4.73 -8.48 1.21
CA TYR A 82 -6.11 -8.76 0.83
C TYR A 82 -7.09 -8.33 1.91
N GLY A 83 -6.64 -7.44 2.79
CA GLY A 83 -7.49 -6.89 3.83
C GLY A 83 -7.62 -7.86 5.01
N VAL A 84 -8.35 -7.43 6.04
CA VAL A 84 -8.58 -8.27 7.21
C VAL A 84 -10.06 -8.40 7.51
N GLY A 85 -10.87 -8.45 6.45
CA GLY A 85 -12.32 -8.49 6.59
C GLY A 85 -12.83 -9.93 6.61
N ARG A 86 -14.11 -10.10 6.31
CA ARG A 86 -14.73 -11.41 6.33
C ARG A 86 -15.54 -11.67 5.06
N ALA A 87 -15.17 -10.98 3.98
CA ALA A 87 -15.74 -11.26 2.67
C ALA A 87 -15.05 -12.44 2.01
N ASN A 88 -15.63 -12.93 0.92
CA ASN A 88 -15.07 -14.06 0.18
C ASN A 88 -14.99 -13.76 -1.31
N ILE A 89 -14.05 -12.89 -1.68
CA ILE A 89 -13.85 -12.54 -3.08
C ILE A 89 -12.46 -12.96 -3.55
N PRO A 90 -12.41 -14.04 -4.34
CA PRO A 90 -11.16 -14.53 -4.88
C PRO A 90 -10.45 -13.45 -5.70
N ARG A 91 -9.23 -13.11 -5.31
CA ARG A 91 -8.42 -12.16 -6.06
C ARG A 91 -6.96 -12.57 -6.05
N TRP A 92 -6.20 -12.04 -7.01
CA TRP A 92 -4.82 -12.47 -7.22
C TRP A 92 -3.83 -11.46 -6.64
N TYR A 93 -2.84 -11.96 -5.93
CA TYR A 93 -1.81 -11.10 -5.34
C TYR A 93 -0.41 -11.66 -5.60
N TYR A 94 0.56 -10.77 -5.77
CA TYR A 94 1.93 -11.18 -6.02
C TYR A 94 2.69 -11.37 -4.71
N ASP A 95 3.23 -12.57 -4.51
CA ASP A 95 4.05 -12.86 -3.34
C ASP A 95 5.51 -12.48 -3.60
N THR A 96 5.96 -11.43 -2.93
CA THR A 96 7.29 -10.88 -3.18
C THR A 96 8.38 -11.74 -2.54
N ASN A 97 7.99 -12.55 -1.56
CA ASN A 97 8.93 -13.39 -0.84
C ASN A 97 9.21 -14.69 -1.60
N ASN A 98 8.18 -15.21 -2.26
CA ASN A 98 8.32 -16.42 -3.06
C ASN A 98 8.35 -16.09 -4.56
N ALA A 99 8.14 -14.82 -4.88
CA ALA A 99 8.20 -14.37 -6.27
C ALA A 99 7.21 -15.15 -7.14
N THR A 100 5.95 -15.20 -6.71
CA THR A 100 4.94 -15.97 -7.42
C THR A 100 3.56 -15.36 -7.22
N CYS A 101 2.67 -15.59 -8.18
CA CYS A 101 1.31 -15.07 -8.11
C CYS A 101 0.35 -16.13 -7.56
N GLU A 102 -0.38 -15.76 -6.51
CA GLU A 102 -1.29 -16.69 -5.85
C GLU A 102 -2.65 -16.05 -5.61
N MET A 103 -3.68 -16.87 -5.51
CA MET A 103 -5.03 -16.40 -5.21
C MET A 103 -5.27 -16.32 -3.71
N PHE A 104 -5.81 -15.19 -3.26
CA PHE A 104 -6.13 -15.01 -1.85
C PHE A 104 -7.59 -14.60 -1.68
N THR A 105 -8.12 -14.80 -0.48
CA THR A 105 -9.50 -14.44 -0.18
C THR A 105 -9.60 -12.98 0.26
N TYR A 106 -10.10 -12.13 -0.63
CA TYR A 106 -10.22 -10.71 -0.35
C TYR A 106 -11.26 -10.45 0.75
N GLY A 107 -10.83 -9.78 1.82
CA GLY A 107 -11.68 -9.61 2.99
C GLY A 107 -12.62 -8.42 2.83
N GLY A 108 -12.27 -7.52 1.91
CA GLY A 108 -13.12 -6.37 1.59
C GLY A 108 -12.60 -5.11 2.26
N ILE A 109 -11.44 -5.21 2.90
CA ILE A 109 -10.88 -4.08 3.64
C ILE A 109 -9.73 -3.45 2.87
N THR A 110 -10.05 -2.38 2.14
CA THR A 110 -9.03 -1.60 1.45
C THR A 110 -8.03 -2.50 0.73
N GLY A 111 -6.75 -2.21 0.88
CA GLY A 111 -5.70 -2.96 0.19
C GLY A 111 -4.56 -2.04 -0.22
N ASN A 112 -3.78 -2.49 -1.20
CA ASN A 112 -2.68 -1.69 -1.73
C ASN A 112 -2.56 -1.87 -3.24
N LYS A 113 -1.48 -1.32 -3.80
CA LYS A 113 -1.25 -1.39 -5.24
C LYS A 113 -1.18 -2.83 -5.73
N ASN A 114 -0.61 -3.70 -4.90
CA ASN A 114 -0.55 -5.12 -5.21
C ASN A 114 -1.94 -5.75 -5.14
N ASN A 115 -2.67 -5.68 -6.25
CA ASN A 115 -4.03 -6.21 -6.31
C ASN A 115 -4.46 -6.45 -7.75
N PHE A 116 -4.59 -7.72 -8.12
CA PHE A 116 -4.76 -8.11 -9.52
C PHE A 116 -6.09 -8.82 -9.73
N GLU A 117 -6.63 -8.70 -10.94
CA GLU A 117 -7.88 -9.39 -11.29
C GLU A 117 -7.61 -10.82 -11.75
N SER A 118 -6.44 -11.04 -12.32
CA SER A 118 -6.11 -12.32 -12.92
C SER A 118 -4.64 -12.67 -12.73
N GLU A 119 -4.32 -13.96 -12.82
CA GLU A 119 -2.93 -14.41 -12.75
C GLU A 119 -2.11 -13.80 -13.87
N GLU A 120 -2.67 -13.77 -15.07
CA GLU A 120 -2.00 -13.17 -16.21
C GLU A 120 -1.59 -11.73 -15.92
N GLU A 121 -2.55 -10.93 -15.44
CA GLU A 121 -2.27 -9.55 -15.06
C GLU A 121 -1.12 -9.45 -14.09
N CYS A 122 -1.18 -10.25 -13.02
CA CYS A 122 -0.11 -10.28 -12.02
C CYS A 122 1.24 -10.45 -12.68
N LYS A 123 1.39 -11.51 -13.48
CA LYS A 123 2.68 -11.85 -14.06
C LYS A 123 3.16 -10.79 -15.04
N GLU A 124 2.23 -10.25 -15.81
CA GLU A 124 2.56 -9.29 -16.86
C GLU A 124 3.02 -7.97 -16.28
N THR A 125 2.40 -7.57 -15.17
CA THR A 125 2.77 -6.35 -14.49
C THR A 125 4.12 -6.49 -13.79
N CYS A 126 4.47 -7.72 -13.43
CA CYS A 126 5.80 -8.03 -12.93
C CYS A 126 6.84 -7.97 -14.04
N LYS A 127 6.43 -8.35 -15.24
CA LYS A 127 7.27 -8.17 -16.43
C LYS A 127 7.48 -6.70 -16.73
N GLY A 128 6.48 -5.88 -16.42
CA GLY A 128 6.58 -4.44 -16.61
C GLY A 128 5.48 -3.93 -17.53
N PHE A 129 4.31 -4.57 -17.46
CA PHE A 129 3.15 -4.12 -18.22
C PHE A 129 2.61 -2.79 -17.69
N SER A 130 2.46 -1.83 -18.59
CA SER A 130 1.95 -0.51 -18.21
C SER A 130 1.44 0.25 -19.43
N GLU A 13 2.52 15.99 -6.15
CA GLU A 13 1.49 14.95 -6.19
C GLU A 13 1.66 13.96 -5.04
N SER A 14 0.54 13.48 -4.51
CA SER A 14 0.53 12.83 -3.20
C SER A 14 1.17 11.46 -3.26
N TRP A 15 1.21 10.88 -4.46
CA TRP A 15 1.68 9.51 -4.62
C TRP A 15 3.13 9.36 -4.22
N VAL A 16 3.87 10.48 -4.23
CA VAL A 16 5.28 10.47 -3.88
C VAL A 16 5.48 10.11 -2.41
N SER A 17 4.45 10.34 -1.61
CA SER A 17 4.53 10.12 -0.17
C SER A 17 4.69 8.64 0.16
N CYS A 18 4.33 7.79 -0.79
CA CYS A 18 4.44 6.35 -0.61
C CYS A 18 5.88 5.89 -0.78
N LEU A 19 6.72 6.76 -1.32
CA LEU A 19 8.15 6.47 -1.48
C LEU A 19 8.99 7.27 -0.51
N ASP A 20 8.45 8.40 -0.07
CA ASP A 20 9.17 9.28 0.86
C ASP A 20 9.34 8.63 2.22
N PRO A 21 10.36 9.06 2.96
CA PRO A 21 10.62 8.53 4.29
C PRO A 21 9.40 8.66 5.19
N GLU A 22 9.15 7.62 5.99
CA GLU A 22 7.99 7.60 6.87
C GLU A 22 7.98 8.80 7.80
N GLN A 23 6.81 9.42 7.94
CA GLN A 23 6.66 10.56 8.84
C GLN A 23 7.03 10.19 10.28
N VAL A 24 7.85 11.01 10.90
CA VAL A 24 8.30 10.76 12.26
C VAL A 24 7.15 10.91 13.26
N THR A 25 7.01 9.92 14.15
CA THR A 25 6.00 9.98 15.19
C THR A 25 6.19 11.18 16.10
N CYS A 26 5.10 11.89 16.38
CA CYS A 26 5.17 13.15 17.09
C CYS A 26 4.06 13.27 18.13
N GLU A 27 4.41 13.73 19.32
CA GLU A 27 3.44 13.93 20.38
C GLU A 27 2.62 15.19 20.16
N SER A 28 1.79 15.19 19.12
CA SER A 28 0.97 16.34 18.79
C SER A 28 -0.39 16.26 19.47
N GLN A 29 -0.86 17.39 19.99
CA GLN A 29 -2.10 17.44 20.75
C GLN A 29 -3.29 17.11 19.85
N GLU A 30 -3.88 15.93 20.07
CA GLU A 30 -4.98 15.45 19.25
C GLU A 30 -4.60 15.47 17.77
N GLY A 31 -3.36 15.12 17.48
CA GLY A 31 -2.86 15.07 16.11
C GLY A 31 -2.58 13.65 15.67
N THR A 32 -3.14 13.26 14.52
CA THR A 32 -2.98 11.91 14.01
C THR A 32 -3.05 11.89 12.49
N HIS A 33 -2.38 10.89 11.89
CA HIS A 33 -2.32 10.78 10.44
C HIS A 33 -2.08 9.34 10.01
N ALA A 34 -2.32 9.06 8.73
CA ALA A 34 -1.95 7.78 8.16
C ALA A 34 -0.60 7.85 7.47
N SER A 35 0.09 6.71 7.39
CA SER A 35 1.41 6.65 6.78
C SER A 35 1.64 5.32 6.08
N TYR A 36 2.41 5.34 5.00
CA TYR A 36 2.73 4.13 4.26
C TYR A 36 4.02 3.50 4.76
N ASN A 37 3.91 2.35 5.41
CA ASN A 37 5.07 1.65 5.95
C ASN A 37 5.74 0.80 4.87
N ARG A 38 6.87 1.28 4.37
CA ARG A 38 7.49 0.70 3.19
C ARG A 38 8.10 -0.67 3.51
N LYS A 39 8.31 -0.93 4.79
CA LYS A 39 8.91 -2.19 5.22
C LYS A 39 7.91 -3.33 5.17
N THR A 40 6.62 -2.98 5.14
CA THR A 40 5.56 -3.97 5.11
C THR A 40 4.74 -3.84 3.83
N GLY A 41 4.75 -2.66 3.24
CA GLY A 41 3.94 -2.39 2.06
C GLY A 41 2.50 -2.07 2.44
N GLN A 42 2.30 -1.61 3.67
CA GLN A 42 0.96 -1.40 4.21
C GLN A 42 0.80 0.01 4.74
N CYS A 43 -0.44 0.40 5.01
CA CYS A 43 -0.73 1.70 5.59
C CYS A 43 -1.21 1.57 7.03
N GLU A 44 -0.85 2.54 7.87
CA GLU A 44 -1.22 2.52 9.28
C GLU A 44 -1.37 3.94 9.83
N GLU A 45 -2.14 4.07 10.89
CA GLU A 45 -2.36 5.36 11.53
C GLU A 45 -1.43 5.55 12.73
N GLN A 46 -0.88 6.75 12.86
CA GLN A 46 0.06 7.04 13.94
C GLN A 46 -0.10 8.48 14.42
N LYS A 47 0.32 8.72 15.66
CA LYS A 47 0.21 10.05 16.26
C LYS A 47 1.30 10.98 15.75
N GLY A 48 0.92 12.22 15.44
CA GLY A 48 1.89 13.24 15.06
C GLY A 48 1.33 14.15 13.97
N THR A 49 1.90 15.34 13.85
CA THR A 49 1.52 16.26 12.79
C THR A 49 2.75 16.94 12.19
N GLU A 50 3.45 16.22 11.33
CA GLU A 50 4.50 16.83 10.51
C GLU A 50 5.62 17.38 11.38
N CYS A 51 6.17 16.54 12.24
CA CYS A 51 7.33 16.91 13.06
C CYS A 51 8.59 16.24 12.56
N GLY A 52 9.01 16.59 11.35
CA GLY A 52 10.24 16.06 10.78
C GLY A 52 9.98 14.78 10.01
N GLY A 53 10.98 14.31 9.27
CA GLY A 53 10.85 13.12 8.43
C GLY A 53 10.60 13.52 6.97
N GLY A 54 9.97 12.62 6.23
CA GLY A 54 9.62 12.89 4.84
C GLY A 54 8.21 13.43 4.72
N GLU A 55 7.63 13.31 3.53
CA GLU A 55 6.25 13.72 3.30
C GLU A 55 5.30 12.54 3.37
N ASN A 56 5.76 11.45 3.98
CA ASN A 56 4.97 10.22 4.04
C ASN A 56 3.90 10.31 5.12
N HIS A 57 2.83 11.04 4.83
CA HIS A 57 1.67 11.08 5.72
C HIS A 57 0.41 11.45 4.94
N PHE A 58 -0.73 10.94 5.41
CA PHE A 58 -1.97 11.04 4.64
C PHE A 58 -3.14 11.41 5.56
N GLU A 59 -4.20 11.94 4.96
CA GLU A 59 -5.42 12.24 5.70
C GLU A 59 -5.97 10.99 6.38
N THR A 60 -6.05 9.90 5.63
CA THR A 60 -6.52 8.64 6.18
C THR A 60 -5.97 7.46 5.39
N LEU A 61 -6.45 6.25 5.71
CA LEU A 61 -5.89 5.03 5.14
C LEU A 61 -6.33 4.86 3.69
N LEU A 62 -7.53 5.34 3.38
CA LEU A 62 -8.03 5.32 2.01
C LEU A 62 -7.19 6.21 1.10
N LYS A 63 -6.68 7.31 1.65
CA LYS A 63 -5.86 8.24 0.90
C LYS A 63 -4.42 7.73 0.78
N CYS A 64 -3.98 6.99 1.79
CA CYS A 64 -2.69 6.30 1.73
C CYS A 64 -2.67 5.27 0.60
N ASN A 65 -3.68 4.39 0.60
CA ASN A 65 -3.79 3.36 -0.42
C ASN A 65 -4.00 3.99 -1.80
N GLU A 66 -4.89 4.97 -1.87
CA GLU A 66 -5.18 5.66 -3.12
C GLU A 66 -3.92 6.25 -3.74
N SER A 67 -3.16 6.98 -2.92
CA SER A 67 -1.94 7.63 -3.39
C SER A 67 -0.95 6.61 -3.95
N CYS A 68 -0.83 5.48 -3.26
CA CYS A 68 0.10 4.43 -3.67
C CYS A 68 -0.33 3.80 -4.98
N ASN A 69 -1.64 3.75 -5.22
CA ASN A 69 -2.17 3.28 -6.50
C ASN A 69 -1.94 4.32 -7.59
N ASP A 70 -1.97 5.59 -7.21
CA ASP A 70 -1.73 6.68 -8.16
C ASP A 70 -0.28 6.70 -8.60
N ALA A 71 0.61 6.23 -7.73
CA ALA A 71 2.03 6.13 -8.06
C ALA A 71 2.25 5.36 -9.36
N PRO A 72 3.15 5.86 -10.20
CA PRO A 72 3.40 5.25 -11.50
C PRO A 72 4.21 3.97 -11.36
N LYS A 73 4.80 3.77 -10.19
CA LYS A 73 5.59 2.57 -9.92
C LYS A 73 4.79 1.31 -10.19
N PRO A 74 5.29 0.49 -11.10
CA PRO A 74 4.60 -0.76 -11.45
C PRO A 74 4.36 -1.62 -10.23
N PRO A 75 3.15 -2.17 -10.13
CA PRO A 75 2.80 -3.05 -9.01
C PRO A 75 3.50 -4.39 -9.13
N CYS A 76 4.00 -4.69 -10.32
CA CYS A 76 4.69 -5.95 -10.58
C CYS A 76 6.13 -5.90 -10.10
N SER A 77 6.52 -4.75 -9.54
CA SER A 77 7.80 -4.63 -8.86
C SER A 77 7.64 -4.85 -7.36
N LEU A 78 6.40 -5.09 -6.93
CA LEU A 78 6.10 -5.24 -5.51
C LEU A 78 5.84 -6.69 -5.15
N GLU A 79 5.98 -7.01 -3.87
CA GLU A 79 5.74 -8.35 -3.38
C GLU A 79 4.28 -8.54 -2.97
N VAL A 80 3.88 -9.79 -2.77
CA VAL A 80 2.53 -10.11 -2.36
C VAL A 80 2.21 -9.52 -0.98
N ASP A 81 1.06 -8.89 -0.87
CA ASP A 81 0.61 -8.32 0.41
C ASP A 81 -0.89 -8.35 0.54
N TYR A 82 -1.40 -9.38 1.20
CA TYR A 82 -2.84 -9.56 1.36
C TYR A 82 -3.31 -9.15 2.75
N GLY A 83 -2.46 -8.39 3.45
CA GLY A 83 -2.82 -7.88 4.76
C GLY A 83 -2.62 -8.93 5.84
N VAL A 84 -2.85 -8.55 7.09
CA VAL A 84 -2.78 -9.49 8.21
C VAL A 84 -4.02 -9.40 9.08
N GLY A 85 -5.19 -9.36 8.45
CA GLY A 85 -6.43 -9.09 9.15
C GLY A 85 -7.18 -10.38 9.45
N ARG A 86 -8.50 -10.36 9.25
CA ARG A 86 -9.35 -11.47 9.66
C ARG A 86 -10.43 -11.74 8.62
N ALA A 87 -10.51 -10.87 7.61
CA ALA A 87 -11.47 -11.04 6.52
C ALA A 87 -11.06 -12.17 5.60
N ASN A 88 -11.99 -12.63 4.78
CA ASN A 88 -11.73 -13.72 3.84
C ASN A 88 -12.17 -13.36 2.43
N ILE A 89 -11.44 -12.44 1.80
CA ILE A 89 -11.76 -12.02 0.44
C ILE A 89 -10.70 -12.50 -0.54
N PRO A 90 -11.11 -13.30 -1.51
CA PRO A 90 -10.19 -13.83 -2.51
C PRO A 90 -9.74 -12.75 -3.48
N ARG A 91 -8.45 -12.42 -3.44
CA ARG A 91 -7.89 -11.40 -4.31
C ARG A 91 -6.55 -11.85 -4.89
N TRP A 92 -6.20 -11.32 -6.05
CA TRP A 92 -5.03 -11.77 -6.79
C TRP A 92 -3.84 -10.85 -6.54
N TYR A 93 -2.68 -11.44 -6.28
CA TYR A 93 -1.46 -10.68 -6.06
C TYR A 93 -0.30 -11.23 -6.87
N TYR A 94 0.56 -10.34 -7.36
CA TYR A 94 1.72 -10.73 -8.14
C TYR A 94 2.91 -11.03 -7.23
N ASP A 95 3.46 -12.23 -7.35
CA ASP A 95 4.69 -12.59 -6.66
C ASP A 95 5.92 -12.30 -7.51
N THR A 96 6.57 -11.18 -7.24
CA THR A 96 7.70 -10.74 -8.04
C THR A 96 8.88 -11.71 -7.90
N ASN A 97 9.07 -12.23 -6.69
CA ASN A 97 10.21 -13.09 -6.40
C ASN A 97 10.14 -14.39 -7.20
N ASN A 98 8.93 -14.91 -7.37
CA ASN A 98 8.72 -16.12 -8.14
C ASN A 98 8.14 -15.81 -9.51
N ALA A 99 7.81 -14.54 -9.74
CA ALA A 99 7.31 -14.09 -11.03
C ALA A 99 6.06 -14.88 -11.43
N THR A 100 5.06 -14.87 -10.57
CA THR A 100 3.83 -15.62 -10.81
C THR A 100 2.63 -14.92 -10.16
N CYS A 101 1.46 -15.11 -10.76
CA CYS A 101 0.23 -14.56 -10.20
C CYS A 101 -0.55 -15.62 -9.43
N GLU A 102 -0.86 -15.32 -8.17
CA GLU A 102 -1.58 -16.24 -7.31
C GLU A 102 -2.68 -15.53 -6.53
N MET A 103 -3.68 -16.29 -6.10
CA MET A 103 -4.80 -15.74 -5.34
C MET A 103 -4.63 -15.98 -3.85
N PHE A 104 -4.77 -14.91 -3.06
CA PHE A 104 -4.55 -14.99 -1.62
C PHE A 104 -5.76 -14.50 -0.84
N THR A 105 -5.78 -14.79 0.45
CA THR A 105 -6.88 -14.38 1.31
C THR A 105 -6.64 -12.97 1.87
N TYR A 106 -7.49 -12.03 1.47
CA TYR A 106 -7.32 -10.64 1.86
C TYR A 106 -7.94 -10.38 3.23
N GLY A 107 -7.12 -9.91 4.16
CA GLY A 107 -7.52 -9.82 5.56
C GLY A 107 -8.21 -8.49 5.85
N GLY A 108 -8.05 -7.54 4.94
CA GLY A 108 -8.74 -6.26 5.05
C GLY A 108 -7.86 -5.20 5.68
N ILE A 109 -6.55 -5.40 5.60
CA ILE A 109 -5.59 -4.47 6.19
C ILE A 109 -4.91 -3.63 5.11
N THR A 110 -5.60 -2.62 4.62
CA THR A 110 -5.05 -1.71 3.62
C THR A 110 -4.35 -2.48 2.52
N GLY A 111 -3.16 -2.03 2.15
CA GLY A 111 -2.36 -2.69 1.13
C GLY A 111 -1.65 -1.68 0.23
N ASN A 112 -1.35 -2.08 -0.99
CA ASN A 112 -0.65 -1.22 -1.93
C ASN A 112 -1.11 -1.47 -3.36
N LYS A 113 -0.40 -0.89 -4.32
CA LYS A 113 -0.83 -0.91 -5.71
C LYS A 113 -0.96 -2.34 -6.23
N ASN A 114 -0.13 -3.23 -5.70
CA ASN A 114 -0.18 -4.64 -6.07
C ASN A 114 -1.43 -5.31 -5.51
N ASN A 115 -2.54 -5.15 -6.21
CA ASN A 115 -3.83 -5.64 -5.73
C ASN A 115 -4.81 -5.83 -6.88
N PHE A 116 -4.95 -7.07 -7.33
CA PHE A 116 -5.75 -7.37 -8.51
C PHE A 116 -6.98 -8.18 -8.15
N GLU A 117 -8.01 -8.10 -9.00
CA GLU A 117 -9.25 -8.83 -8.78
C GLU A 117 -9.44 -9.93 -9.82
N SER A 118 -8.41 -10.15 -10.63
CA SER A 118 -8.44 -11.20 -11.65
C SER A 118 -7.04 -11.60 -12.07
N GLU A 119 -6.87 -12.88 -12.40
CA GLU A 119 -5.60 -13.38 -12.90
C GLU A 119 -5.16 -12.60 -14.14
N GLU A 120 -6.11 -12.34 -15.03
CA GLU A 120 -5.83 -11.56 -16.24
C GLU A 120 -5.24 -10.19 -15.89
N GLU A 121 -5.87 -9.51 -14.95
CA GLU A 121 -5.41 -8.19 -14.52
C GLU A 121 -3.96 -8.24 -14.05
N CYS A 122 -3.64 -9.25 -13.25
CA CYS A 122 -2.28 -9.42 -12.75
C CYS A 122 -1.28 -9.58 -13.88
N LYS A 123 -1.55 -10.54 -14.77
CA LYS A 123 -0.60 -10.90 -15.82
C LYS A 123 -0.48 -9.78 -16.86
N GLU A 124 -1.62 -9.22 -17.25
CA GLU A 124 -1.66 -8.23 -18.31
C GLU A 124 -1.03 -6.92 -17.87
N THR A 125 -1.19 -6.60 -16.60
CA THR A 125 -0.54 -5.43 -16.00
C THR A 125 0.98 -5.55 -16.08
N CYS A 126 1.49 -6.74 -15.78
CA CYS A 126 2.92 -7.00 -15.85
C CYS A 126 3.42 -6.93 -17.29
N LYS A 127 2.58 -7.36 -18.22
CA LYS A 127 2.89 -7.23 -19.64
C LYS A 127 3.00 -5.76 -20.04
N GLY A 128 2.13 -4.93 -19.49
CA GLY A 128 2.15 -3.50 -19.76
C GLY A 128 0.83 -3.03 -20.36
N PHE A 129 -0.26 -3.64 -19.93
CA PHE A 129 -1.59 -3.28 -20.41
C PHE A 129 -1.99 -1.90 -19.93
N SER A 130 -2.40 -1.04 -20.87
CA SER A 130 -2.81 0.31 -20.54
C SER A 130 -3.79 0.85 -21.57
N GLU A 13 2.50 16.51 -6.38
CA GLU A 13 1.30 15.67 -6.36
C GLU A 13 1.36 14.64 -5.24
N SER A 14 0.21 14.23 -4.75
CA SER A 14 0.12 13.48 -3.49
C SER A 14 0.73 12.09 -3.64
N TRP A 15 0.67 11.54 -4.85
CA TRP A 15 1.14 10.19 -5.11
C TRP A 15 2.63 10.07 -4.84
N VAL A 16 3.32 11.21 -4.87
CA VAL A 16 4.76 11.23 -4.64
C VAL A 16 5.12 10.74 -3.24
N SER A 17 4.22 11.00 -2.29
CA SER A 17 4.47 10.69 -0.90
C SER A 17 4.34 9.19 -0.63
N CYS A 18 3.90 8.46 -1.65
CA CYS A 18 3.85 7.00 -1.57
C CYS A 18 5.24 6.40 -1.76
N LEU A 19 6.15 7.19 -2.31
CA LEU A 19 7.52 6.73 -2.54
C LEU A 19 8.49 7.39 -1.57
N ASP A 20 8.09 8.52 -1.00
CA ASP A 20 8.92 9.25 -0.07
C ASP A 20 9.16 8.44 1.19
N PRO A 21 10.27 8.75 1.88
CA PRO A 21 10.61 8.07 3.13
C PRO A 21 9.49 8.24 4.16
N GLU A 22 9.31 7.22 5.01
CA GLU A 22 8.29 7.26 6.04
C GLU A 22 8.49 8.45 6.98
N GLN A 23 7.39 9.12 7.32
CA GLN A 23 7.43 10.18 8.31
C GLN A 23 7.47 9.61 9.72
N VAL A 24 8.28 10.22 10.58
CA VAL A 24 8.50 9.72 11.93
C VAL A 24 7.32 10.07 12.84
N THR A 25 6.84 9.08 13.59
CA THR A 25 5.71 9.28 14.49
C THR A 25 6.18 9.85 15.83
N CYS A 26 5.22 10.28 16.64
CA CYS A 26 5.53 10.94 17.90
C CYS A 26 5.00 10.15 19.09
N GLU A 27 5.50 10.47 20.28
CA GLU A 27 4.97 9.89 21.50
C GLU A 27 3.59 10.44 21.82
N SER A 28 3.39 11.73 21.53
CA SER A 28 2.08 12.35 21.67
C SER A 28 1.11 11.88 20.58
N GLN A 29 -0.15 11.76 20.94
CA GLN A 29 -1.18 11.32 20.00
C GLN A 29 -2.11 12.48 19.62
N GLU A 30 -1.64 13.71 19.84
CA GLU A 30 -2.42 14.89 19.50
C GLU A 30 -2.75 14.93 18.01
N GLY A 31 -1.71 14.82 17.18
CA GLY A 31 -1.89 14.82 15.73
C GLY A 31 -1.98 13.39 15.20
N THR A 32 -2.16 13.27 13.88
CA THR A 32 -2.26 11.97 13.23
C THR A 32 -2.00 12.08 11.74
N HIS A 33 -1.57 10.97 11.14
CA HIS A 33 -1.31 10.93 9.70
C HIS A 33 -1.23 9.50 9.21
N ALA A 34 -1.58 9.29 7.94
CA ALA A 34 -1.46 7.98 7.31
C ALA A 34 -0.19 7.87 6.50
N SER A 35 0.49 6.74 6.61
CA SER A 35 1.79 6.54 5.97
C SER A 35 2.01 5.08 5.61
N TYR A 36 2.63 4.84 4.47
CA TYR A 36 2.95 3.49 4.03
C TYR A 36 3.97 2.83 4.96
N ASN A 37 3.51 1.90 5.77
CA ASN A 37 4.39 1.19 6.70
C ASN A 37 5.06 0.01 6.02
N ARG A 38 6.36 0.16 5.75
CA ARG A 38 7.09 -0.83 4.96
C ARG A 38 7.33 -2.10 5.77
N LYS A 39 7.15 -2.00 7.09
CA LYS A 39 7.33 -3.14 7.97
C LYS A 39 6.17 -4.12 7.85
N THR A 40 5.02 -3.62 7.38
CA THR A 40 3.83 -4.45 7.21
C THR A 40 3.39 -4.48 5.76
N GLY A 41 3.86 -3.50 4.98
CA GLY A 41 3.58 -3.47 3.55
C GLY A 41 2.19 -2.92 3.27
N GLN A 42 1.80 -1.91 4.05
CA GLN A 42 0.48 -1.30 3.90
C GLN A 42 0.44 0.10 4.51
N CYS A 43 -0.50 0.91 4.05
CA CYS A 43 -0.70 2.25 4.61
C CYS A 43 -1.46 2.18 5.93
N GLU A 44 -0.89 2.78 6.97
CA GLU A 44 -1.49 2.75 8.29
C GLU A 44 -1.64 4.15 8.87
N GLU A 45 -2.71 4.38 9.60
CA GLU A 45 -2.94 5.66 10.26
C GLU A 45 -2.23 5.73 11.60
N GLN A 46 -1.15 6.50 11.65
CA GLN A 46 -0.33 6.61 12.86
C GLN A 46 -0.63 7.89 13.62
N LYS A 47 -0.19 7.95 14.87
CA LYS A 47 -0.37 9.15 15.68
C LYS A 47 0.93 9.93 15.80
N GLY A 48 0.81 11.26 15.90
CA GLY A 48 1.98 12.12 16.08
C GLY A 48 1.84 13.40 15.27
N THR A 49 2.55 14.44 15.70
CA THR A 49 2.48 15.73 15.03
C THR A 49 3.67 15.92 14.09
N GLU A 50 3.98 14.89 13.32
CA GLU A 50 4.96 15.00 12.24
C GLU A 50 6.33 15.31 12.80
N CYS A 51 6.80 14.49 13.72
CA CYS A 51 8.08 14.72 14.38
C CYS A 51 9.24 14.31 13.50
N GLY A 52 9.39 14.98 12.36
CA GLY A 52 10.51 14.73 11.45
C GLY A 52 10.21 13.54 10.55
N GLY A 53 11.22 13.11 9.80
CA GLY A 53 11.07 12.00 8.86
C GLY A 53 10.93 12.50 7.44
N GLY A 54 10.37 11.66 6.56
CA GLY A 54 10.17 12.03 5.16
C GLY A 54 8.81 12.67 4.95
N GLU A 55 8.38 12.74 3.70
CA GLU A 55 7.12 13.39 3.35
C GLU A 55 6.02 12.35 3.14
N ASN A 56 6.31 11.10 3.49
CA ASN A 56 5.32 10.04 3.40
C ASN A 56 4.27 10.16 4.49
N HIS A 57 3.27 11.00 4.25
CA HIS A 57 2.16 11.16 5.18
C HIS A 57 0.92 11.68 4.48
N PHE A 58 -0.25 11.24 4.94
CA PHE A 58 -1.51 11.64 4.33
C PHE A 58 -2.55 12.00 5.39
N GLU A 59 -3.60 12.69 4.97
CA GLU A 59 -4.66 13.10 5.89
C GLU A 59 -5.35 11.91 6.52
N THR A 60 -5.57 10.87 5.72
CA THR A 60 -6.28 9.68 6.18
C THR A 60 -5.97 8.48 5.30
N LEU A 61 -6.39 7.30 5.75
CA LEU A 61 -6.13 6.06 5.02
C LEU A 61 -6.65 6.16 3.59
N LEU A 62 -7.84 6.70 3.43
CA LEU A 62 -8.49 6.78 2.13
C LEU A 62 -7.64 7.56 1.13
N LYS A 63 -7.01 8.62 1.61
CA LYS A 63 -6.21 9.49 0.76
C LYS A 63 -4.95 8.79 0.28
N CYS A 64 -4.29 8.09 1.19
CA CYS A 64 -3.03 7.41 0.88
C CYS A 64 -3.26 6.24 -0.05
N ASN A 65 -4.46 5.64 0.04
CA ASN A 65 -4.83 4.53 -0.84
C ASN A 65 -5.06 5.02 -2.26
N GLU A 66 -5.84 6.09 -2.41
CA GLU A 66 -6.13 6.65 -3.72
C GLU A 66 -4.87 7.23 -4.36
N SER A 67 -4.06 7.91 -3.55
CA SER A 67 -2.84 8.54 -4.04
C SER A 67 -1.88 7.51 -4.61
N CYS A 68 -1.72 6.40 -3.90
CA CYS A 68 -0.83 5.32 -4.34
C CYS A 68 -1.40 4.62 -5.56
N ASN A 69 -2.72 4.46 -5.59
CA ASN A 69 -3.40 3.81 -6.71
C ASN A 69 -3.27 4.64 -7.98
N ASP A 70 -3.21 5.95 -7.82
CA ASP A 70 -3.14 6.86 -8.96
C ASP A 70 -1.70 7.21 -9.30
N ALA A 71 -0.76 6.52 -8.66
CA ALA A 71 0.66 6.73 -8.92
C ALA A 71 1.07 6.12 -10.26
N PRO A 72 2.00 6.77 -10.94
CA PRO A 72 2.53 6.25 -12.20
C PRO A 72 3.09 4.84 -12.03
N LYS A 73 3.57 4.56 -10.81
CA LYS A 73 4.20 3.27 -10.53
C LYS A 73 3.20 2.13 -10.66
N PRO A 74 3.69 0.96 -11.09
CA PRO A 74 2.84 -0.19 -11.33
C PRO A 74 2.42 -0.84 -10.02
N PRO A 75 1.43 -1.72 -10.10
CA PRO A 75 0.96 -2.48 -8.94
C PRO A 75 2.13 -3.21 -8.27
N CYS A 76 3.11 -3.59 -9.08
CA CYS A 76 4.21 -4.41 -8.59
C CYS A 76 5.17 -3.61 -7.74
N SER A 77 4.94 -2.30 -7.66
CA SER A 77 5.77 -1.42 -6.85
C SER A 77 5.38 -1.48 -5.39
N LEU A 78 4.18 -1.99 -5.12
CA LEU A 78 3.65 -2.05 -3.76
C LEU A 78 3.66 -3.49 -3.24
N GLU A 79 3.71 -3.63 -1.93
CA GLU A 79 3.80 -4.94 -1.30
C GLU A 79 2.43 -5.55 -1.08
N VAL A 80 2.41 -6.81 -0.65
CA VAL A 80 1.16 -7.54 -0.46
C VAL A 80 0.30 -6.88 0.62
N ASP A 81 -0.97 -6.65 0.30
CA ASP A 81 -1.91 -6.09 1.26
C ASP A 81 -3.31 -6.62 1.04
N TYR A 82 -3.69 -7.63 1.82
CA TYR A 82 -4.99 -8.27 1.68
C TYR A 82 -5.93 -7.86 2.81
N GLY A 83 -5.59 -6.75 3.48
CA GLY A 83 -6.46 -6.19 4.51
C GLY A 83 -6.37 -7.01 5.80
N VAL A 84 -7.15 -6.61 6.80
CA VAL A 84 -7.20 -7.33 8.06
C VAL A 84 -8.64 -7.61 8.48
N GLY A 85 -9.44 -8.09 7.54
CA GLY A 85 -10.87 -8.25 7.76
C GLY A 85 -11.22 -9.68 8.15
N ARG A 86 -12.34 -10.17 7.64
CA ARG A 86 -12.86 -11.47 8.08
C ARG A 86 -13.41 -12.26 6.89
N ALA A 87 -13.46 -11.61 5.73
CA ALA A 87 -13.91 -12.27 4.51
C ALA A 87 -12.86 -13.24 3.98
N ASN A 88 -13.27 -14.12 3.08
CA ASN A 88 -12.37 -15.11 2.50
C ASN A 88 -12.42 -15.08 0.98
N ILE A 89 -11.88 -14.01 0.40
CA ILE A 89 -11.87 -13.84 -1.05
C ILE A 89 -10.50 -14.14 -1.63
N PRO A 90 -10.45 -15.08 -2.56
CA PRO A 90 -9.19 -15.48 -3.18
C PRO A 90 -8.68 -14.42 -4.14
N ARG A 91 -7.80 -13.57 -3.64
CA ARG A 91 -7.16 -12.54 -4.47
C ARG A 91 -5.67 -12.80 -4.62
N TRP A 92 -5.10 -12.35 -5.73
CA TRP A 92 -3.68 -12.54 -6.00
C TRP A 92 -2.87 -11.29 -5.69
N TYR A 93 -1.74 -11.48 -5.03
CA TYR A 93 -0.86 -10.37 -4.70
C TYR A 93 0.59 -10.68 -5.06
N TYR A 94 1.30 -9.67 -5.57
CA TYR A 94 2.71 -9.82 -5.91
C TYR A 94 3.60 -9.50 -4.72
N ASP A 95 4.42 -10.46 -4.32
CA ASP A 95 5.37 -10.26 -3.23
C ASP A 95 6.68 -9.68 -3.77
N THR A 96 6.93 -8.41 -3.46
CA THR A 96 8.08 -7.69 -4.02
C THR A 96 9.36 -8.11 -3.32
N ASN A 97 9.24 -8.72 -2.15
CA ASN A 97 10.40 -9.09 -1.35
C ASN A 97 10.90 -10.48 -1.72
N ASN A 98 9.98 -11.36 -2.10
CA ASN A 98 10.34 -12.69 -2.56
C ASN A 98 10.18 -12.82 -4.07
N ALA A 99 9.70 -11.75 -4.70
CA ALA A 99 9.57 -11.72 -6.15
C ALA A 99 8.71 -12.86 -6.65
N THR A 100 7.52 -13.01 -6.08
CA THR A 100 6.61 -14.07 -6.45
C THR A 100 5.15 -13.67 -6.22
N CYS A 101 4.26 -14.17 -7.07
CA CYS A 101 2.84 -13.84 -6.97
C CYS A 101 2.05 -15.01 -6.40
N GLU A 102 1.37 -14.78 -5.28
CA GLU A 102 0.67 -15.84 -4.58
C GLU A 102 -0.75 -15.41 -4.23
N MET A 103 -1.61 -16.38 -3.95
CA MET A 103 -2.98 -16.11 -3.53
C MET A 103 -3.05 -15.88 -2.02
N PHE A 104 -3.71 -14.80 -1.63
CA PHE A 104 -3.89 -14.48 -0.22
C PHE A 104 -5.37 -14.30 0.12
N THR A 105 -5.70 -14.44 1.40
CA THR A 105 -7.07 -14.30 1.87
C THR A 105 -7.44 -12.84 2.06
N TYR A 106 -8.30 -12.33 1.18
CA TYR A 106 -8.70 -10.93 1.23
C TYR A 106 -9.85 -10.72 2.20
N GLY A 107 -9.61 -9.90 3.23
CA GLY A 107 -10.53 -9.79 4.35
C GLY A 107 -11.63 -8.78 4.06
N GLY A 108 -11.46 -7.99 3.02
CA GLY A 108 -12.47 -7.04 2.58
C GLY A 108 -12.17 -5.63 3.11
N ILE A 109 -10.97 -5.46 3.65
CA ILE A 109 -10.57 -4.18 4.21
C ILE A 109 -9.64 -3.42 3.27
N THR A 110 -10.20 -2.47 2.53
CA THR A 110 -9.41 -1.61 1.65
C THR A 110 -8.41 -2.44 0.84
N GLY A 111 -7.17 -1.96 0.79
CA GLY A 111 -6.13 -2.61 0.01
C GLY A 111 -5.23 -1.60 -0.68
N ASN A 112 -4.57 -2.03 -1.76
CA ASN A 112 -3.72 -1.14 -2.54
C ASN A 112 -3.73 -1.52 -4.00
N LYS A 113 -2.92 -0.83 -4.80
CA LYS A 113 -2.87 -1.06 -6.24
C LYS A 113 -2.44 -2.49 -6.55
N ASN A 114 -1.62 -3.07 -5.68
CA ASN A 114 -1.18 -4.45 -5.83
C ASN A 114 -2.33 -5.41 -5.60
N ASN A 115 -3.09 -5.68 -6.67
CA ASN A 115 -4.23 -6.60 -6.59
C ASN A 115 -4.55 -7.19 -7.95
N PHE A 116 -4.33 -8.49 -8.08
CA PHE A 116 -4.38 -9.14 -9.39
C PHE A 116 -5.48 -10.18 -9.44
N GLU A 117 -5.94 -10.50 -10.65
CA GLU A 117 -6.91 -11.57 -10.85
C GLU A 117 -6.22 -12.93 -11.00
N SER A 118 -4.95 -12.90 -11.40
CA SER A 118 -4.21 -14.12 -11.64
C SER A 118 -2.70 -13.88 -11.51
N GLU A 119 -1.95 -14.96 -11.38
CA GLU A 119 -0.48 -14.87 -11.31
C GLU A 119 0.11 -14.51 -12.67
N GLU A 120 -0.67 -14.71 -13.72
CA GLU A 120 -0.27 -14.32 -15.07
C GLU A 120 -0.31 -12.81 -15.25
N GLU A 121 -1.28 -12.17 -14.60
CA GLU A 121 -1.34 -10.72 -14.55
C GLU A 121 -0.17 -10.15 -13.76
N CYS A 122 0.20 -10.84 -12.69
CA CYS A 122 1.39 -10.49 -11.91
C CYS A 122 2.63 -10.49 -12.80
N LYS A 123 2.79 -11.56 -13.58
CA LYS A 123 3.95 -11.70 -14.46
C LYS A 123 4.05 -10.53 -15.42
N GLU A 124 3.01 -10.33 -16.23
CA GLU A 124 3.06 -9.40 -17.34
C GLU A 124 3.06 -7.95 -16.85
N THR A 125 2.35 -7.71 -15.76
CA THR A 125 2.30 -6.38 -15.16
C THR A 125 3.68 -5.95 -14.65
N CYS A 126 4.36 -6.88 -13.99
CA CYS A 126 5.70 -6.61 -13.47
C CYS A 126 6.70 -6.43 -14.61
N LYS A 127 6.47 -7.14 -15.71
CA LYS A 127 7.23 -6.92 -16.93
C LYS A 127 7.03 -5.50 -17.47
N GLY A 128 5.80 -5.01 -17.40
CA GLY A 128 5.49 -3.67 -17.84
C GLY A 128 4.42 -3.68 -18.94
N PHE A 129 3.50 -4.62 -18.84
CA PHE A 129 2.41 -4.73 -19.81
C PHE A 129 1.05 -4.60 -19.13
N SER A 130 0.08 -4.02 -19.85
CA SER A 130 -1.26 -3.85 -19.32
C SER A 130 -2.25 -3.53 -20.43
N GLU A 13 -0.37 15.60 -7.35
CA GLU A 13 0.35 14.33 -7.38
C GLU A 13 0.62 13.82 -5.98
N SER A 14 -0.44 13.39 -5.30
CA SER A 14 -0.33 12.95 -3.91
C SER A 14 0.44 11.63 -3.81
N TRP A 15 0.50 10.90 -4.92
CA TRP A 15 1.22 9.63 -4.97
C TRP A 15 2.70 9.84 -4.69
N VAL A 16 3.17 11.08 -4.85
CA VAL A 16 4.56 11.42 -4.56
C VAL A 16 4.89 11.19 -3.09
N SER A 17 3.94 11.54 -2.22
CA SER A 17 4.14 11.42 -0.78
C SER A 17 4.46 9.97 -0.38
N CYS A 18 3.83 9.03 -1.06
CA CYS A 18 4.02 7.61 -0.79
C CYS A 18 5.48 7.21 -0.99
N LEU A 19 6.17 7.93 -1.86
CA LEU A 19 7.55 7.61 -2.20
C LEU A 19 8.53 8.53 -1.49
N ASP A 20 8.01 9.37 -0.60
CA ASP A 20 8.83 10.29 0.16
C ASP A 20 9.27 9.68 1.48
N PRO A 21 10.30 10.26 2.10
CA PRO A 21 10.75 9.82 3.41
C PRO A 21 9.60 9.77 4.40
N GLU A 22 9.53 8.67 5.16
CA GLU A 22 8.42 8.44 6.08
C GLU A 22 8.30 9.59 7.08
N GLN A 23 7.06 9.94 7.41
CA GLN A 23 6.79 10.86 8.50
C GLN A 23 7.18 10.25 9.85
N VAL A 24 7.97 10.99 10.62
CA VAL A 24 8.47 10.50 11.89
C VAL A 24 7.37 10.45 12.94
N THR A 25 7.25 9.32 13.63
CA THR A 25 6.31 9.19 14.73
C THR A 25 6.59 10.20 15.83
N CYS A 26 5.54 10.89 16.27
CA CYS A 26 5.69 11.98 17.23
C CYS A 26 5.06 11.62 18.57
N GLU A 27 5.73 11.99 19.65
CA GLU A 27 5.25 11.68 21.00
C GLU A 27 4.11 12.61 21.41
N SER A 28 2.94 12.39 20.80
CA SER A 28 1.77 13.22 21.07
C SER A 28 0.48 12.46 20.84
N GLN A 29 -0.54 12.77 21.63
CA GLN A 29 -1.84 12.14 21.48
C GLN A 29 -2.84 13.09 20.84
N GLU A 30 -2.33 14.14 20.21
CA GLU A 30 -3.17 15.15 19.58
C GLU A 30 -3.95 14.58 18.41
N GLY A 31 -3.31 13.69 17.66
CA GLY A 31 -3.93 13.05 16.51
C GLY A 31 -2.98 12.06 15.85
N THR A 32 -3.46 11.43 14.78
CA THR A 32 -2.68 10.41 14.08
C THR A 32 -2.58 10.72 12.58
N HIS A 33 -1.85 9.87 11.87
CA HIS A 33 -1.72 10.03 10.42
C HIS A 33 -1.43 8.69 9.74
N ALA A 34 -1.67 8.64 8.44
CA ALA A 34 -1.33 7.45 7.65
C ALA A 34 -0.10 7.71 6.79
N SER A 35 0.76 6.70 6.70
CA SER A 35 2.03 6.85 5.99
C SER A 35 2.45 5.53 5.34
N TYR A 36 3.03 5.63 4.14
CA TYR A 36 3.49 4.46 3.41
C TYR A 36 4.86 4.02 3.89
N ASN A 37 4.92 2.90 4.59
CA ASN A 37 6.18 2.39 5.13
C ASN A 37 6.92 1.56 4.08
N ARG A 38 7.99 2.13 3.54
CA ARG A 38 8.66 1.55 2.39
C ARG A 38 9.44 0.30 2.77
N LYS A 39 9.69 0.14 4.06
CA LYS A 39 10.42 -1.01 4.57
C LYS A 39 9.54 -2.25 4.61
N THR A 40 8.22 -2.04 4.56
CA THR A 40 7.27 -3.13 4.61
C THR A 40 6.51 -3.25 3.28
N GLY A 41 6.36 -2.14 2.59
CA GLY A 41 5.64 -2.11 1.32
C GLY A 41 4.15 -1.98 1.52
N GLN A 42 3.76 -1.22 2.55
CA GLN A 42 2.36 -1.00 2.86
C GLN A 42 2.16 0.26 3.68
N CYS A 43 0.93 0.76 3.70
CA CYS A 43 0.60 1.98 4.44
C CYS A 43 0.05 1.65 5.82
N GLU A 44 0.51 2.39 6.83
CA GLU A 44 0.12 2.14 8.21
C GLU A 44 -0.21 3.44 8.93
N GLU A 45 -0.93 3.32 10.04
CA GLU A 45 -1.30 4.49 10.83
C GLU A 45 -0.35 4.69 12.00
N GLN A 46 0.18 5.91 12.13
CA GLN A 46 1.07 6.25 13.22
C GLN A 46 0.56 7.45 14.00
N LYS A 47 0.89 7.50 15.30
CA LYS A 47 0.55 8.64 16.12
C LYS A 47 1.55 9.79 15.92
N GLY A 48 1.04 11.01 15.87
CA GLY A 48 1.89 12.19 15.77
C GLY A 48 1.31 13.20 14.78
N THR A 49 1.71 14.46 14.92
CA THR A 49 1.22 15.52 14.05
C THR A 49 2.38 16.31 13.45
N GLU A 50 3.05 15.71 12.47
CA GLU A 50 4.11 16.39 11.74
C GLU A 50 5.18 16.91 12.69
N CYS A 51 5.97 15.99 13.24
CA CYS A 51 7.11 16.36 14.07
C CYS A 51 8.42 15.91 13.43
N GLY A 52 8.67 16.37 12.22
CA GLY A 52 9.90 16.02 11.50
C GLY A 52 9.67 14.84 10.56
N GLY A 53 10.57 14.67 9.59
CA GLY A 53 10.43 13.61 8.61
C GLY A 53 10.17 14.18 7.22
N GLY A 54 9.68 13.35 6.32
CA GLY A 54 9.38 13.78 4.95
C GLY A 54 7.93 14.18 4.81
N GLU A 55 7.43 14.19 3.58
CA GLU A 55 6.04 14.53 3.31
C GLU A 55 5.17 13.29 3.23
N ASN A 56 5.73 12.15 3.62
CA ASN A 56 5.03 10.87 3.54
C ASN A 56 4.04 10.72 4.69
N HIS A 57 2.91 11.39 4.59
CA HIS A 57 1.81 11.20 5.53
C HIS A 57 0.49 11.72 4.97
N PHE A 58 -0.61 11.14 5.42
CA PHE A 58 -1.92 11.41 4.84
C PHE A 58 -2.97 11.62 5.93
N GLU A 59 -4.07 12.26 5.56
CA GLU A 59 -5.14 12.55 6.51
C GLU A 59 -5.72 11.27 7.10
N THR A 60 -5.85 10.26 6.27
CA THR A 60 -6.38 8.97 6.71
C THR A 60 -5.87 7.83 5.83
N LEU A 61 -6.27 6.61 6.16
CA LEU A 61 -5.77 5.43 5.47
C LEU A 61 -6.29 5.37 4.04
N LEU A 62 -7.55 5.69 3.85
CA LEU A 62 -8.16 5.73 2.53
C LEU A 62 -7.36 6.63 1.58
N LYS A 63 -7.10 7.85 2.03
CA LYS A 63 -6.33 8.80 1.23
C LYS A 63 -4.94 8.26 0.92
N CYS A 64 -4.33 7.61 1.91
CA CYS A 64 -3.00 7.02 1.74
C CYS A 64 -3.02 5.95 0.66
N ASN A 65 -3.94 5.00 0.80
CA ASN A 65 -3.99 3.86 -0.11
C ASN A 65 -4.36 4.29 -1.52
N GLU A 66 -5.29 5.24 -1.63
CA GLU A 66 -5.72 5.74 -2.92
C GLU A 66 -4.60 6.52 -3.61
N SER A 67 -3.82 7.25 -2.82
CA SER A 67 -2.67 7.99 -3.34
C SER A 67 -1.59 7.04 -3.84
N CYS A 68 -1.26 6.04 -3.02
CA CYS A 68 -0.22 5.09 -3.37
C CYS A 68 -0.60 4.25 -4.59
N ASN A 69 -1.91 4.09 -4.80
CA ASN A 69 -2.41 3.35 -5.95
C ASN A 69 -2.02 4.02 -7.25
N ASP A 70 -1.78 5.32 -7.19
CA ASP A 70 -1.50 6.11 -8.39
C ASP A 70 0.01 6.30 -8.57
N ALA A 71 0.79 5.63 -7.73
CA ALA A 71 2.24 5.70 -7.81
C ALA A 71 2.77 4.89 -8.98
N PRO A 72 3.91 5.29 -9.52
CA PRO A 72 4.53 4.59 -10.65
C PRO A 72 5.17 3.29 -10.20
N LYS A 73 5.34 3.14 -8.88
CA LYS A 73 5.93 1.93 -8.33
C LYS A 73 5.21 0.68 -8.81
N PRO A 74 5.96 -0.26 -9.36
CA PRO A 74 5.39 -1.49 -9.89
C PRO A 74 4.53 -2.19 -8.84
N PRO A 75 3.35 -2.65 -9.26
CA PRO A 75 2.43 -3.33 -8.37
C PRO A 75 3.12 -4.49 -7.65
N CYS A 76 4.05 -5.14 -8.35
CA CYS A 76 4.69 -6.34 -7.82
C CYS A 76 5.73 -5.98 -6.76
N SER A 77 5.98 -4.69 -6.58
CA SER A 77 6.90 -4.22 -5.56
C SER A 77 6.17 -3.85 -4.28
N LEU A 78 4.85 -4.02 -4.28
CA LEU A 78 4.04 -3.71 -3.12
C LEU A 78 3.55 -4.98 -2.42
N GLU A 79 3.36 -4.90 -1.12
CA GLU A 79 2.99 -6.06 -0.32
C GLU A 79 1.53 -6.44 -0.54
N VAL A 80 1.24 -7.73 -0.44
CA VAL A 80 -0.12 -8.23 -0.55
C VAL A 80 -1.05 -7.54 0.45
N ASP A 81 -2.16 -7.03 -0.05
CA ASP A 81 -3.15 -6.38 0.80
C ASP A 81 -4.57 -6.59 0.29
N TYR A 82 -5.26 -7.58 0.84
CA TYR A 82 -6.61 -7.90 0.43
C TYR A 82 -7.64 -7.33 1.41
N GLY A 83 -7.20 -6.39 2.23
CA GLY A 83 -8.10 -5.69 3.15
C GLY A 83 -8.34 -6.52 4.40
N VAL A 84 -9.08 -5.95 5.35
CA VAL A 84 -9.47 -6.66 6.56
C VAL A 84 -10.96 -6.54 6.82
N GLY A 85 -11.75 -6.72 5.78
CA GLY A 85 -13.19 -6.46 5.85
C GLY A 85 -13.97 -7.74 6.10
N ARG A 86 -15.06 -7.92 5.36
CA ARG A 86 -15.99 -9.00 5.61
C ARG A 86 -16.51 -9.61 4.32
N ALA A 87 -16.14 -8.99 3.19
CA ALA A 87 -16.54 -9.49 1.88
C ALA A 87 -15.76 -10.75 1.51
N ASN A 88 -16.26 -11.47 0.51
CA ASN A 88 -15.62 -12.69 0.06
C ASN A 88 -15.44 -12.69 -1.46
N ILE A 89 -14.50 -11.88 -1.94
CA ILE A 89 -14.24 -11.78 -3.37
C ILE A 89 -12.84 -12.29 -3.70
N PRO A 90 -12.78 -13.48 -4.32
CA PRO A 90 -11.52 -14.06 -4.74
C PRO A 90 -10.77 -13.12 -5.69
N ARG A 91 -9.56 -12.75 -5.31
CA ARG A 91 -8.72 -11.90 -6.15
C ARG A 91 -7.25 -12.31 -6.05
N TRP A 92 -6.46 -11.92 -7.06
CA TRP A 92 -5.10 -12.39 -7.17
C TRP A 92 -4.11 -11.36 -6.66
N TYR A 93 -3.16 -11.80 -5.84
CA TYR A 93 -2.13 -10.92 -5.30
C TYR A 93 -0.74 -11.53 -5.46
N TYR A 94 0.26 -10.67 -5.67
CA TYR A 94 1.63 -11.13 -5.83
C TYR A 94 2.34 -11.20 -4.48
N ASP A 95 2.79 -12.39 -4.12
CA ASP A 95 3.57 -12.58 -2.90
C ASP A 95 5.03 -12.22 -3.10
N THR A 96 5.45 -11.11 -2.51
CA THR A 96 6.79 -10.57 -2.76
C THR A 96 7.84 -11.36 -1.99
N ASN A 97 7.41 -12.09 -0.97
CA ASN A 97 8.32 -12.83 -0.13
C ASN A 97 8.63 -14.21 -0.74
N ASN A 98 7.64 -14.79 -1.38
CA ASN A 98 7.81 -16.09 -2.03
C ASN A 98 7.88 -15.95 -3.54
N ALA A 99 7.68 -14.72 -4.02
CA ALA A 99 7.78 -14.43 -5.45
C ALA A 99 6.82 -15.31 -6.25
N THR A 100 5.55 -15.30 -5.86
CA THR A 100 4.55 -16.14 -6.51
C THR A 100 3.16 -15.49 -6.42
N CYS A 101 2.32 -15.82 -7.39
CA CYS A 101 0.96 -15.28 -7.44
C CYS A 101 -0.04 -16.22 -6.77
N GLU A 102 -0.81 -15.69 -5.84
CA GLU A 102 -1.78 -16.50 -5.10
C GLU A 102 -3.13 -15.80 -5.02
N MET A 103 -4.18 -16.58 -4.75
CA MET A 103 -5.52 -16.04 -4.61
C MET A 103 -5.87 -15.79 -3.15
N PHE A 104 -6.38 -14.60 -2.86
CA PHE A 104 -6.76 -14.24 -1.50
C PHE A 104 -8.20 -13.75 -1.44
N THR A 105 -8.77 -13.75 -0.24
CA THR A 105 -10.15 -13.31 -0.05
C THR A 105 -10.22 -11.80 0.19
N TYR A 106 -10.68 -11.07 -0.81
CA TYR A 106 -10.78 -9.62 -0.70
C TYR A 106 -11.90 -9.21 0.25
N GLY A 107 -11.55 -8.43 1.26
CA GLY A 107 -12.49 -8.10 2.33
C GLY A 107 -13.28 -6.84 2.01
N GLY A 108 -12.80 -6.09 1.02
CA GLY A 108 -13.52 -4.91 0.55
C GLY A 108 -12.98 -3.64 1.20
N ILE A 109 -11.76 -3.71 1.71
CA ILE A 109 -11.15 -2.57 2.39
C ILE A 109 -10.03 -1.98 1.56
N THR A 110 -10.38 -1.10 0.63
CA THR A 110 -9.39 -0.42 -0.20
C THR A 110 -8.35 -1.40 -0.72
N GLY A 111 -7.08 -1.00 -0.62
CA GLY A 111 -5.98 -1.83 -1.12
C GLY A 111 -4.92 -0.98 -1.79
N ASN A 112 -3.93 -1.63 -2.39
CA ASN A 112 -2.87 -0.94 -3.11
C ASN A 112 -2.70 -1.49 -4.52
N LYS A 113 -1.61 -1.10 -5.18
CA LYS A 113 -1.41 -1.43 -6.58
C LYS A 113 -1.34 -2.94 -6.79
N ASN A 114 -0.84 -3.65 -5.78
CA ASN A 114 -0.78 -5.11 -5.84
C ASN A 114 -2.17 -5.72 -5.71
N ASN A 115 -2.86 -5.82 -6.83
CA ASN A 115 -4.25 -6.29 -6.84
C ASN A 115 -4.72 -6.60 -8.26
N PHE A 116 -4.78 -7.89 -8.59
CA PHE A 116 -4.94 -8.30 -9.97
C PHE A 116 -6.25 -9.07 -10.16
N GLU A 117 -6.80 -9.02 -11.37
CA GLU A 117 -8.03 -9.72 -11.69
C GLU A 117 -7.77 -11.19 -12.01
N SER A 118 -6.57 -11.47 -12.49
CA SER A 118 -6.23 -12.82 -12.93
C SER A 118 -4.76 -13.13 -12.64
N GLU A 119 -4.44 -14.42 -12.59
CA GLU A 119 -3.05 -14.86 -12.45
C GLU A 119 -2.18 -14.32 -13.58
N GLU A 120 -2.74 -14.28 -14.78
CA GLU A 120 -2.04 -13.73 -15.94
C GLU A 120 -1.58 -12.30 -15.67
N GLU A 121 -2.50 -11.46 -15.23
CA GLU A 121 -2.18 -10.07 -14.92
C GLU A 121 -1.08 -9.97 -13.88
N CYS A 122 -1.17 -10.79 -12.85
CA CYS A 122 -0.16 -10.81 -11.79
C CYS A 122 1.22 -11.07 -12.37
N LYS A 123 1.37 -12.19 -13.07
CA LYS A 123 2.67 -12.63 -13.54
C LYS A 123 3.22 -11.69 -14.62
N GLU A 124 2.34 -11.28 -15.54
CA GLU A 124 2.75 -10.48 -16.67
C GLU A 124 3.14 -9.07 -16.24
N THR A 125 2.46 -8.56 -15.22
CA THR A 125 2.83 -7.28 -14.62
C THR A 125 4.21 -7.33 -14.01
N CYS A 126 4.52 -8.43 -13.32
CA CYS A 126 5.84 -8.63 -12.73
C CYS A 126 6.91 -8.75 -13.81
N LYS A 127 6.54 -9.34 -14.95
CA LYS A 127 7.42 -9.38 -16.11
C LYS A 127 7.69 -7.99 -16.65
N GLY A 128 6.66 -7.15 -16.65
CA GLY A 128 6.79 -5.77 -17.10
C GLY A 128 5.85 -5.48 -18.25
N PHE A 129 4.67 -6.08 -18.22
CA PHE A 129 3.67 -5.87 -19.26
C PHE A 129 2.37 -5.34 -18.67
N SER A 130 1.67 -4.51 -19.43
CA SER A 130 0.42 -3.91 -18.99
C SER A 130 -0.37 -3.34 -20.16
N GLU A 13 2.46 15.72 -7.03
CA GLU A 13 1.35 14.79 -6.88
C GLU A 13 1.50 13.95 -5.63
N SER A 14 0.37 13.54 -5.06
CA SER A 14 0.35 13.00 -3.70
C SER A 14 1.01 11.64 -3.63
N TRP A 15 0.99 10.92 -4.76
CA TRP A 15 1.53 9.57 -4.81
C TRP A 15 3.02 9.56 -4.53
N VAL A 16 3.67 10.70 -4.72
CA VAL A 16 5.10 10.83 -4.47
C VAL A 16 5.43 10.61 -3.01
N SER A 17 4.49 10.98 -2.14
CA SER A 17 4.72 10.90 -0.69
C SER A 17 4.86 9.46 -0.23
N CYS A 18 4.40 8.53 -1.06
CA CYS A 18 4.49 7.10 -0.75
C CYS A 18 5.91 6.58 -0.95
N LEU A 19 6.74 7.37 -1.63
CA LEU A 19 8.14 7.02 -1.81
C LEU A 19 9.05 7.89 -0.96
N ASP A 20 8.52 9.04 -0.53
CA ASP A 20 9.27 9.95 0.32
C ASP A 20 9.56 9.33 1.67
N PRO A 21 10.60 9.84 2.35
CA PRO A 21 10.98 9.34 3.66
C PRO A 21 9.79 9.38 4.62
N GLU A 22 9.66 8.33 5.42
CA GLU A 22 8.51 8.19 6.32
C GLU A 22 8.40 9.39 7.26
N GLN A 23 7.16 9.80 7.53
CA GLN A 23 6.91 10.78 8.58
C GLN A 23 7.16 10.20 9.97
N VAL A 24 7.93 10.93 10.77
CA VAL A 24 8.28 10.47 12.11
C VAL A 24 7.17 10.75 13.10
N THR A 25 6.83 9.74 13.91
CA THR A 25 5.81 9.90 14.94
C THR A 25 6.24 10.89 16.01
N CYS A 26 5.28 11.64 16.53
CA CYS A 26 5.57 12.66 17.53
C CYS A 26 4.87 12.36 18.85
N GLU A 27 5.49 12.75 19.95
CA GLU A 27 4.95 12.49 21.28
C GLU A 27 3.81 13.45 21.59
N SER A 28 2.66 13.21 20.98
CA SER A 28 1.49 14.07 21.18
C SER A 28 0.21 13.26 21.11
N GLN A 29 -0.77 13.63 21.95
CA GLN A 29 -2.06 12.96 21.95
C GLN A 29 -3.13 13.83 21.31
N GLU A 30 -2.71 14.88 20.62
CA GLU A 30 -3.63 15.82 20.01
C GLU A 30 -4.41 15.18 18.87
N GLY A 31 -3.77 14.25 18.18
CA GLY A 31 -4.39 13.55 17.07
C GLY A 31 -3.42 12.57 16.42
N THR A 32 -3.83 12.00 15.29
CA THR A 32 -3.02 11.02 14.58
C THR A 32 -2.87 11.39 13.11
N HIS A 33 -2.04 10.63 12.40
CA HIS A 33 -1.89 10.81 10.96
C HIS A 33 -1.44 9.52 10.29
N ALA A 34 -1.55 9.47 8.96
CA ALA A 34 -1.23 8.27 8.20
C ALA A 34 0.08 8.44 7.45
N SER A 35 0.82 7.34 7.30
CA SER A 35 2.07 7.35 6.56
C SER A 35 2.35 5.98 5.96
N TYR A 36 2.90 5.97 4.73
CA TYR A 36 3.23 4.73 4.05
C TYR A 36 4.58 4.19 4.51
N ASN A 37 4.54 3.10 5.27
CA ASN A 37 5.76 2.49 5.79
C ASN A 37 6.38 1.54 4.78
N ARG A 38 7.50 1.95 4.21
CA ARG A 38 8.12 1.20 3.10
C ARG A 38 8.76 -0.07 3.60
N LYS A 39 8.98 -0.15 4.91
CA LYS A 39 9.58 -1.34 5.51
C LYS A 39 8.58 -2.48 5.60
N THR A 40 7.30 -2.13 5.58
CA THR A 40 6.23 -3.13 5.64
C THR A 40 5.41 -3.14 4.36
N GLY A 41 5.49 -2.05 3.60
CA GLY A 41 4.83 -1.96 2.31
C GLY A 41 3.33 -1.71 2.46
N GLN A 42 2.97 -0.86 3.41
CA GLN A 42 1.57 -0.58 3.69
C GLN A 42 1.42 0.77 4.39
N CYS A 43 0.21 1.32 4.34
CA CYS A 43 -0.10 2.55 5.06
C CYS A 43 -0.43 2.27 6.53
N GLU A 44 0.22 3.00 7.43
CA GLU A 44 0.06 2.78 8.86
C GLU A 44 -0.29 4.06 9.58
N GLU A 45 -1.13 3.96 10.60
CA GLU A 45 -1.55 5.13 11.37
C GLU A 45 -0.71 5.28 12.64
N GLN A 46 -0.33 6.51 12.95
CA GLN A 46 0.51 6.78 14.10
C GLN A 46 0.15 8.12 14.75
N LYS A 47 0.47 8.25 16.02
CA LYS A 47 0.18 9.48 16.77
C LYS A 47 1.23 10.55 16.47
N GLY A 48 0.82 11.82 16.56
CA GLY A 48 1.73 12.94 16.42
C GLY A 48 1.11 14.07 15.61
N THR A 49 1.89 15.12 15.37
CA THR A 49 1.40 16.29 14.66
C THR A 49 2.23 16.56 13.42
N GLU A 50 2.88 15.53 12.90
CA GLU A 50 3.70 15.65 11.70
C GLU A 50 4.85 16.61 11.91
N CYS A 51 5.65 16.36 12.94
CA CYS A 51 6.66 17.32 13.39
C CYS A 51 8.06 16.76 13.22
N GLY A 52 8.41 16.44 11.98
CA GLY A 52 9.76 15.95 11.67
C GLY A 52 9.70 14.69 10.81
N GLY A 53 10.60 14.60 9.84
CA GLY A 53 10.62 13.48 8.91
C GLY A 53 10.53 13.95 7.47
N GLY A 54 10.05 13.08 6.58
CA GLY A 54 9.88 13.42 5.18
C GLY A 54 8.48 13.96 4.90
N GLU A 55 8.08 13.93 3.64
CA GLU A 55 6.75 14.38 3.24
C GLU A 55 5.77 13.21 3.20
N ASN A 56 6.21 12.05 3.69
CA ASN A 56 5.39 10.86 3.69
C ASN A 56 4.34 10.91 4.81
N HIS A 57 3.30 11.70 4.60
CA HIS A 57 2.22 11.80 5.57
C HIS A 57 0.89 12.12 4.89
N PHE A 58 -0.20 11.62 5.44
CA PHE A 58 -1.51 11.77 4.83
C PHE A 58 -2.57 12.08 5.88
N GLU A 59 -3.67 12.69 5.44
CA GLU A 59 -4.76 13.06 6.34
C GLU A 59 -5.37 11.83 7.00
N THR A 60 -5.46 10.74 6.23
CA THR A 60 -5.99 9.49 6.75
C THR A 60 -5.51 8.30 5.90
N LEU A 61 -5.88 7.10 6.33
CA LEU A 61 -5.37 5.88 5.71
C LEU A 61 -5.93 5.70 4.30
N LEU A 62 -7.16 6.15 4.10
CA LEU A 62 -7.80 6.08 2.79
C LEU A 62 -7.07 6.94 1.78
N LYS A 63 -6.67 8.14 2.20
CA LYS A 63 -5.91 9.04 1.35
C LYS A 63 -4.54 8.47 1.03
N CYS A 64 -3.91 7.84 2.01
CA CYS A 64 -2.63 7.17 1.80
C CYS A 64 -2.76 6.05 0.79
N ASN A 65 -3.74 5.18 1.00
CA ASN A 65 -3.93 4.03 0.12
C ASN A 65 -4.21 4.46 -1.32
N GLU A 66 -5.08 5.45 -1.47
CA GLU A 66 -5.43 5.95 -2.80
C GLU A 66 -4.24 6.59 -3.48
N SER A 67 -3.51 7.42 -2.73
CA SER A 67 -2.34 8.11 -3.26
C SER A 67 -1.30 7.11 -3.76
N CYS A 68 -1.06 6.07 -2.98
CA CYS A 68 -0.10 5.04 -3.35
C CYS A 68 -0.55 4.26 -4.57
N ASN A 69 -1.86 4.07 -4.69
CA ASN A 69 -2.44 3.37 -5.83
C ASN A 69 -2.47 4.26 -7.07
N ASP A 70 -2.29 5.56 -6.85
CA ASP A 70 -2.19 6.51 -7.96
C ASP A 70 -0.75 6.63 -8.44
N ALA A 71 0.14 5.87 -7.83
CA ALA A 71 1.54 5.83 -8.25
C ALA A 71 1.70 5.06 -9.55
N PRO A 72 2.72 5.42 -10.32
CA PRO A 72 2.96 4.78 -11.61
C PRO A 72 3.57 3.39 -11.44
N LYS A 73 3.99 3.10 -10.21
CA LYS A 73 4.64 1.82 -9.92
C LYS A 73 3.74 0.65 -10.30
N PRO A 74 4.28 -0.25 -11.13
CA PRO A 74 3.53 -1.41 -11.59
C PRO A 74 3.02 -2.23 -10.41
N PRO A 75 1.83 -2.80 -10.56
CA PRO A 75 1.26 -3.68 -9.56
C PRO A 75 2.25 -4.78 -9.18
N CYS A 76 3.01 -5.25 -10.15
CA CYS A 76 3.96 -6.33 -9.94
C CYS A 76 5.00 -5.95 -8.89
N SER A 77 5.32 -4.66 -8.81
CA SER A 77 6.38 -4.18 -7.94
C SER A 77 5.91 -4.12 -6.49
N LEU A 78 4.61 -4.28 -6.29
CA LEU A 78 4.01 -4.22 -4.95
C LEU A 78 3.78 -5.62 -4.39
N GLU A 79 3.72 -5.71 -3.07
CA GLU A 79 3.58 -7.01 -2.40
C GLU A 79 2.11 -7.40 -2.29
N VAL A 80 1.87 -8.64 -1.87
CA VAL A 80 0.52 -9.14 -1.72
C VAL A 80 -0.25 -8.35 -0.67
N ASP A 81 -1.44 -7.87 -1.04
CA ASP A 81 -2.31 -7.16 -0.11
C ASP A 81 -3.78 -7.41 -0.43
N TYR A 82 -4.37 -8.36 0.26
CA TYR A 82 -5.75 -8.75 0.00
C TYR A 82 -6.72 -8.03 0.93
N GLY A 83 -6.31 -6.85 1.39
CA GLY A 83 -7.21 -5.97 2.13
C GLY A 83 -7.26 -6.33 3.60
N VAL A 84 -8.05 -5.58 4.36
CA VAL A 84 -8.20 -5.84 5.79
C VAL A 84 -9.66 -6.00 6.17
N GLY A 85 -10.43 -6.66 5.32
CA GLY A 85 -11.86 -6.81 5.51
C GLY A 85 -12.19 -8.17 6.14
N ARG A 86 -13.30 -8.75 5.73
CA ARG A 86 -13.80 -9.98 6.34
C ARG A 86 -14.37 -10.92 5.28
N ALA A 87 -14.44 -10.45 4.04
CA ALA A 87 -14.94 -11.26 2.94
C ALA A 87 -13.89 -12.25 2.46
N ASN A 88 -14.31 -13.20 1.63
CA ASN A 88 -13.39 -14.16 1.05
C ASN A 88 -13.57 -14.24 -0.47
N ILE A 89 -13.17 -13.18 -1.16
CA ILE A 89 -13.32 -13.10 -2.61
C ILE A 89 -12.07 -13.58 -3.32
N PRO A 90 -12.21 -14.62 -4.12
CA PRO A 90 -11.08 -15.18 -4.87
C PRO A 90 -10.43 -14.13 -5.75
N ARG A 91 -9.25 -13.67 -5.34
CA ARG A 91 -8.46 -12.76 -6.15
C ARG A 91 -6.99 -13.18 -6.20
N TRP A 92 -6.32 -12.83 -7.29
CA TRP A 92 -4.94 -13.26 -7.50
C TRP A 92 -3.96 -12.16 -7.11
N TYR A 93 -2.88 -12.55 -6.42
CA TYR A 93 -1.88 -11.60 -5.98
C TYR A 93 -0.47 -12.11 -6.28
N TYR A 94 0.39 -11.21 -6.73
CA TYR A 94 1.77 -11.57 -7.05
C TYR A 94 2.67 -11.44 -5.83
N ASP A 95 3.31 -12.53 -5.44
CA ASP A 95 4.27 -12.53 -4.35
C ASP A 95 5.67 -12.19 -4.84
N THR A 96 6.16 -11.01 -4.47
CA THR A 96 7.42 -10.51 -4.99
C THR A 96 8.61 -11.22 -4.34
N ASN A 97 8.38 -11.80 -3.17
CA ASN A 97 9.43 -12.46 -2.42
C ASN A 97 9.65 -13.88 -2.90
N ASN A 98 8.55 -14.53 -3.30
CA ASN A 98 8.63 -15.89 -3.83
C ASN A 98 8.48 -15.90 -5.35
N ALA A 99 8.22 -14.73 -5.92
CA ALA A 99 8.11 -14.60 -7.36
C ALA A 99 7.05 -15.54 -7.92
N THR A 100 5.86 -15.50 -7.35
CA THR A 100 4.78 -16.38 -7.76
C THR A 100 3.41 -15.73 -7.52
N CYS A 101 2.46 -16.03 -8.38
CA CYS A 101 1.12 -15.45 -8.27
C CYS A 101 0.13 -16.47 -7.71
N GLU A 102 -0.48 -16.14 -6.58
CA GLU A 102 -1.35 -17.07 -5.87
C GLU A 102 -2.68 -16.42 -5.53
N MET A 103 -3.68 -17.24 -5.26
CA MET A 103 -5.01 -16.75 -4.91
C MET A 103 -5.14 -16.51 -3.42
N PHE A 104 -5.66 -15.33 -3.06
CA PHE A 104 -5.89 -15.00 -1.65
C PHE A 104 -7.34 -14.55 -1.43
N THR A 105 -7.75 -14.53 -0.16
CA THR A 105 -9.11 -14.16 0.19
C THR A 105 -9.25 -12.65 0.37
N TYR A 106 -9.67 -11.97 -0.68
CA TYR A 106 -9.83 -10.51 -0.64
C TYR A 106 -10.90 -10.11 0.36
N GLY A 107 -10.53 -9.25 1.30
CA GLY A 107 -11.40 -8.94 2.43
C GLY A 107 -12.48 -7.94 2.03
N GLY A 108 -12.22 -7.18 0.97
CA GLY A 108 -13.20 -6.24 0.45
C GLY A 108 -12.85 -4.81 0.81
N ILE A 109 -11.83 -4.66 1.66
CA ILE A 109 -11.45 -3.34 2.16
C ILE A 109 -10.13 -2.88 1.55
N THR A 110 -10.19 -1.78 0.80
CA THR A 110 -9.00 -1.20 0.19
C THR A 110 -8.14 -2.27 -0.47
N GLY A 111 -6.84 -2.21 -0.23
CA GLY A 111 -5.88 -3.01 -1.00
C GLY A 111 -5.05 -2.15 -1.93
N ASN A 112 -3.99 -2.71 -2.47
CA ASN A 112 -3.09 -1.98 -3.36
C ASN A 112 -3.30 -2.37 -4.81
N LYS A 113 -2.45 -1.85 -5.69
CA LYS A 113 -2.59 -2.09 -7.12
C LYS A 113 -2.40 -3.56 -7.45
N ASN A 114 -1.63 -4.26 -6.62
CA ASN A 114 -1.39 -5.68 -6.81
C ASN A 114 -2.65 -6.50 -6.58
N ASN A 115 -3.48 -6.61 -7.61
CA ASN A 115 -4.72 -7.36 -7.52
C ASN A 115 -5.21 -7.77 -8.90
N PHE A 116 -5.16 -9.07 -9.18
CA PHE A 116 -5.34 -9.57 -10.53
C PHE A 116 -6.52 -10.53 -10.61
N GLU A 117 -7.03 -10.74 -11.82
CA GLU A 117 -8.13 -11.67 -12.03
C GLU A 117 -7.62 -13.05 -12.46
N SER A 118 -6.33 -13.11 -12.76
CA SER A 118 -5.71 -14.38 -13.15
C SER A 118 -4.20 -14.34 -12.93
N GLU A 119 -3.58 -15.51 -12.86
CA GLU A 119 -2.13 -15.61 -12.72
C GLU A 119 -1.43 -15.23 -14.01
N GLU A 120 -2.18 -15.22 -15.11
CA GLU A 120 -1.66 -14.77 -16.39
C GLU A 120 -1.51 -13.25 -16.43
N GLU A 121 -2.43 -12.56 -15.77
CA GLU A 121 -2.32 -11.12 -15.60
C GLU A 121 -1.12 -10.76 -14.73
N CYS A 122 -0.86 -11.57 -13.73
CA CYS A 122 0.36 -11.45 -12.93
C CYS A 122 1.60 -11.53 -13.81
N LYS A 123 1.63 -12.53 -14.70
CA LYS A 123 2.76 -12.73 -15.59
C LYS A 123 2.97 -11.52 -16.48
N GLU A 124 1.93 -11.13 -17.21
CA GLU A 124 2.05 -10.11 -18.25
C GLU A 124 2.33 -8.74 -17.64
N THR A 125 1.76 -8.49 -16.47
CA THR A 125 2.01 -7.25 -15.74
C THR A 125 3.48 -7.12 -15.36
N CYS A 126 4.06 -8.21 -14.88
CA CYS A 126 5.47 -8.24 -14.50
C CYS A 126 6.37 -8.12 -15.72
N LYS A 127 5.91 -8.66 -16.85
CA LYS A 127 6.60 -8.49 -18.12
C LYS A 127 6.64 -7.02 -18.54
N GLY A 128 5.52 -6.33 -18.32
CA GLY A 128 5.46 -4.90 -18.62
C GLY A 128 4.37 -4.59 -19.64
N PHE A 129 3.28 -5.35 -19.58
CA PHE A 129 2.16 -5.17 -20.50
C PHE A 129 0.92 -4.66 -19.77
N SER A 130 1.13 -3.84 -18.74
CA SER A 130 0.04 -3.28 -17.98
C SER A 130 0.41 -1.90 -17.42
N GLU A 13 2.73 15.59 -6.67
CA GLU A 13 1.56 14.71 -6.57
C GLU A 13 1.64 13.84 -5.33
N SER A 14 0.48 13.44 -4.82
CA SER A 14 0.39 12.86 -3.49
C SER A 14 1.04 11.48 -3.45
N TRP A 15 1.02 10.80 -4.58
CA TRP A 15 1.55 9.43 -4.65
C TRP A 15 3.05 9.41 -4.36
N VAL A 16 3.70 10.56 -4.51
CA VAL A 16 5.13 10.66 -4.28
C VAL A 16 5.47 10.39 -2.81
N SER A 17 4.54 10.73 -1.93
CA SER A 17 4.76 10.59 -0.50
C SER A 17 4.91 9.13 -0.10
N CYS A 18 4.47 8.23 -0.97
CA CYS A 18 4.57 6.80 -0.72
C CYS A 18 6.01 6.32 -0.85
N LEU A 19 6.84 7.11 -1.54
CA LEU A 19 8.24 6.77 -1.72
C LEU A 19 9.14 7.67 -0.87
N ASP A 20 8.58 8.79 -0.42
CA ASP A 20 9.32 9.71 0.44
C ASP A 20 9.61 9.09 1.80
N PRO A 21 10.62 9.61 2.48
CA PRO A 21 11.03 9.08 3.78
C PRO A 21 9.88 9.13 4.78
N GLU A 22 9.85 8.16 5.69
CA GLU A 22 8.78 8.06 6.67
C GLU A 22 8.64 9.35 7.47
N GLN A 23 7.41 9.83 7.59
CA GLN A 23 7.11 10.95 8.50
C GLN A 23 7.25 10.52 9.95
N VAL A 24 8.04 11.28 10.71
CA VAL A 24 8.29 10.97 12.11
C VAL A 24 7.11 11.40 12.98
N THR A 25 6.71 10.53 13.89
CA THR A 25 5.56 10.78 14.74
C THR A 25 5.91 11.66 15.92
N CYS A 26 4.90 12.11 16.66
CA CYS A 26 5.09 13.03 17.78
C CYS A 26 4.79 12.36 19.11
N GLU A 27 5.30 12.94 20.18
CA GLU A 27 5.01 12.45 21.53
C GLU A 27 3.57 12.74 21.91
N SER A 28 3.05 13.88 21.45
CA SER A 28 1.65 14.23 21.68
C SER A 28 0.72 13.31 20.89
N GLN A 29 -0.40 12.95 21.51
CA GLN A 29 -1.41 12.11 20.87
C GLN A 29 -2.67 12.90 20.57
N GLU A 30 -2.56 14.23 20.58
CA GLU A 30 -3.71 15.09 20.34
C GLU A 30 -4.15 15.04 18.88
N GLY A 31 -3.18 14.96 17.97
CA GLY A 31 -3.48 14.90 16.55
C GLY A 31 -3.17 13.51 15.99
N THR A 32 -3.30 13.37 14.67
CA THR A 32 -3.09 12.09 14.01
C THR A 32 -2.76 12.27 12.54
N HIS A 33 -2.10 11.28 11.96
CA HIS A 33 -1.77 11.30 10.54
C HIS A 33 -1.48 9.90 10.02
N ALA A 34 -1.71 9.70 8.72
CA ALA A 34 -1.46 8.40 8.10
C ALA A 34 -0.15 8.41 7.31
N SER A 35 0.38 7.23 7.05
CA SER A 35 1.60 7.09 6.26
C SER A 35 1.71 5.70 5.64
N TYR A 36 2.49 5.59 4.58
CA TYR A 36 2.69 4.32 3.90
C TYR A 36 3.90 3.58 4.45
N ASN A 37 3.65 2.45 5.10
CA ASN A 37 4.73 1.66 5.71
C ASN A 37 5.31 0.68 4.70
N ARG A 38 6.39 1.08 4.04
CA ARG A 38 6.95 0.29 2.94
C ARG A 38 7.49 -1.04 3.44
N LYS A 39 7.90 -1.08 4.70
CA LYS A 39 8.46 -2.29 5.29
C LYS A 39 7.40 -3.39 5.41
N THR A 40 6.13 -2.97 5.45
CA THR A 40 5.03 -3.92 5.53
C THR A 40 4.26 -3.98 4.21
N GLY A 41 4.35 -2.91 3.43
CA GLY A 41 3.69 -2.85 2.14
C GLY A 41 2.23 -2.44 2.28
N GLN A 42 1.95 -1.58 3.25
CA GLN A 42 0.59 -1.11 3.49
C GLN A 42 0.59 0.18 4.29
N CYS A 43 -0.52 0.91 4.25
CA CYS A 43 -0.66 2.16 4.98
C CYS A 43 -1.12 1.93 6.41
N GLU A 44 -0.81 2.88 7.29
CA GLU A 44 -1.26 2.81 8.67
C GLU A 44 -1.40 4.20 9.28
N GLU A 45 -2.18 4.30 10.35
CA GLU A 45 -2.43 5.58 11.01
C GLU A 45 -1.60 5.71 12.27
N GLN A 46 -0.82 6.79 12.36
CA GLN A 46 -0.01 7.05 13.54
C GLN A 46 -0.53 8.26 14.31
N LYS A 47 -0.01 8.46 15.52
CA LYS A 47 -0.43 9.57 16.36
C LYS A 47 0.59 10.70 16.34
N GLY A 48 0.11 11.94 16.41
CA GLY A 48 0.99 13.10 16.41
C GLY A 48 0.64 14.05 15.27
N THR A 49 1.27 15.22 15.28
CA THR A 49 1.00 16.23 14.27
C THR A 49 2.20 16.43 13.35
N GLU A 50 2.93 15.34 13.09
CA GLU A 50 4.04 15.38 12.14
C GLU A 50 5.21 16.17 12.70
N CYS A 51 6.18 15.45 13.27
CA CYS A 51 7.33 16.09 13.91
C CYS A 51 8.63 15.66 13.24
N GLY A 52 8.86 16.15 12.03
CA GLY A 52 10.10 15.89 11.32
C GLY A 52 10.00 14.64 10.46
N GLY A 53 11.08 14.32 9.76
CA GLY A 53 11.10 13.16 8.88
C GLY A 53 10.93 13.57 7.42
N GLY A 54 10.38 12.68 6.61
CA GLY A 54 10.15 12.95 5.20
C GLY A 54 8.73 13.46 4.97
N GLU A 55 8.27 13.35 3.73
CA GLU A 55 6.94 13.84 3.36
C GLU A 55 5.93 12.69 3.28
N ASN A 56 6.32 11.53 3.79
CA ASN A 56 5.44 10.36 3.82
C ASN A 56 4.35 10.53 4.87
N HIS A 57 3.33 11.32 4.54
CA HIS A 57 2.19 11.52 5.44
C HIS A 57 0.93 11.84 4.65
N PHE A 58 -0.21 11.44 5.19
CA PHE A 58 -1.50 11.62 4.52
C PHE A 58 -2.58 12.06 5.50
N GLU A 59 -3.61 12.70 4.98
CA GLU A 59 -4.69 13.23 5.81
C GLU A 59 -5.45 12.09 6.49
N THR A 60 -5.60 10.98 5.79
CA THR A 60 -6.28 9.81 6.35
C THR A 60 -5.81 8.52 5.67
N LEU A 61 -6.32 7.40 6.14
CA LEU A 61 -5.85 6.10 5.69
C LEU A 61 -6.26 5.82 4.25
N LEU A 62 -7.49 6.19 3.91
CA LEU A 62 -8.03 5.92 2.58
C LEU A 62 -7.24 6.67 1.52
N LYS A 63 -6.81 7.88 1.84
CA LYS A 63 -6.07 8.72 0.89
C LYS A 63 -4.64 8.23 0.74
N CYS A 64 -4.10 7.62 1.79
CA CYS A 64 -2.80 6.97 1.72
C CYS A 64 -2.82 5.81 0.72
N ASN A 65 -3.78 4.91 0.90
CA ASN A 65 -3.92 3.76 0.00
C ASN A 65 -4.23 4.20 -1.42
N GLU A 66 -5.11 5.19 -1.54
CA GLU A 66 -5.46 5.74 -2.85
C GLU A 66 -4.23 6.30 -3.57
N SER A 67 -3.48 7.14 -2.87
CA SER A 67 -2.32 7.80 -3.46
C SER A 67 -1.29 6.77 -3.93
N CYS A 68 -1.06 5.76 -3.11
CA CYS A 68 -0.08 4.72 -3.43
C CYS A 68 -0.54 3.88 -4.61
N ASN A 69 -1.85 3.72 -4.74
CA ASN A 69 -2.43 3.02 -5.88
C ASN A 69 -2.38 3.88 -7.14
N ASP A 70 -2.39 5.19 -6.96
CA ASP A 70 -2.35 6.13 -8.07
C ASP A 70 -0.92 6.34 -8.56
N ALA A 71 0.03 5.77 -7.84
CA ALA A 71 1.43 5.81 -8.24
C ALA A 71 1.64 5.07 -9.56
N PRO A 72 2.59 5.54 -10.36
CA PRO A 72 2.85 4.96 -11.67
C PRO A 72 3.59 3.63 -11.55
N LYS A 73 4.12 3.37 -10.36
CA LYS A 73 4.82 2.12 -10.10
C LYS A 73 3.96 0.91 -10.44
N PRO A 74 4.46 0.06 -11.34
CA PRO A 74 3.72 -1.12 -11.76
C PRO A 74 3.36 -2.00 -10.57
N PRO A 75 2.14 -2.54 -10.59
CA PRO A 75 1.69 -3.44 -9.53
C PRO A 75 2.68 -4.59 -9.32
N CYS A 76 3.34 -5.00 -10.40
CA CYS A 76 4.23 -6.15 -10.36
C CYS A 76 5.53 -5.80 -9.63
N SER A 77 5.73 -4.52 -9.35
CA SER A 77 6.91 -4.07 -8.64
C SER A 77 6.65 -3.98 -7.14
N LEU A 78 5.45 -4.36 -6.72
CA LEU A 78 5.07 -4.33 -5.31
C LEU A 78 4.87 -5.73 -4.77
N GLU A 79 5.05 -5.89 -3.46
CA GLU A 79 5.05 -7.21 -2.84
C GLU A 79 3.64 -7.64 -2.47
N VAL A 80 3.44 -8.95 -2.32
CA VAL A 80 2.14 -9.50 -1.98
C VAL A 80 1.69 -9.04 -0.59
N ASP A 81 0.47 -8.54 -0.51
CA ASP A 81 -0.14 -8.21 0.78
C ASP A 81 -1.65 -8.34 0.73
N TYR A 82 -2.16 -9.45 1.21
CA TYR A 82 -3.60 -9.73 1.16
C TYR A 82 -4.30 -9.19 2.40
N GLY A 83 -3.54 -8.49 3.23
CA GLY A 83 -4.12 -7.82 4.40
C GLY A 83 -4.12 -8.73 5.62
N VAL A 84 -4.60 -8.21 6.74
CA VAL A 84 -4.69 -8.99 7.98
C VAL A 84 -6.09 -8.90 8.58
N GLY A 85 -7.11 -9.02 7.75
CA GLY A 85 -8.49 -8.87 8.19
C GLY A 85 -9.12 -10.22 8.50
N ARG A 86 -10.38 -10.39 8.10
CA ARG A 86 -11.14 -11.56 8.46
C ARG A 86 -12.01 -12.04 7.30
N ALA A 87 -12.01 -11.26 6.22
CA ALA A 87 -12.78 -11.62 5.03
C ALA A 87 -12.08 -12.73 4.24
N ASN A 88 -12.82 -13.34 3.31
CA ASN A 88 -12.27 -14.41 2.49
C ASN A 88 -12.59 -14.19 1.02
N ILE A 89 -11.96 -13.17 0.43
CA ILE A 89 -12.16 -12.86 -0.98
C ILE A 89 -10.99 -13.36 -1.82
N PRO A 90 -11.30 -14.10 -2.88
CA PRO A 90 -10.29 -14.72 -3.71
C PRO A 90 -9.64 -13.70 -4.65
N ARG A 91 -8.76 -12.86 -4.09
CA ARG A 91 -8.02 -11.90 -4.89
C ARG A 91 -6.68 -12.47 -5.31
N TRP A 92 -6.15 -11.97 -6.42
CA TRP A 92 -4.88 -12.46 -6.97
C TRP A 92 -3.74 -11.49 -6.68
N TYR A 93 -2.58 -12.05 -6.35
CA TYR A 93 -1.41 -11.24 -6.04
C TYR A 93 -0.17 -11.78 -6.75
N TYR A 94 0.67 -10.87 -7.23
CA TYR A 94 1.91 -11.26 -7.92
C TYR A 94 3.06 -11.39 -6.94
N ASP A 95 3.63 -12.59 -6.87
CA ASP A 95 4.80 -12.83 -6.03
C ASP A 95 6.08 -12.45 -6.73
N THR A 96 6.74 -11.40 -6.25
CA THR A 96 7.90 -10.83 -6.92
C THR A 96 9.14 -11.67 -6.68
N ASN A 97 9.10 -12.48 -5.63
CA ASN A 97 10.24 -13.31 -5.25
C ASN A 97 10.25 -14.62 -6.03
N ASN A 98 9.06 -15.15 -6.29
CA ASN A 98 8.92 -16.39 -7.05
C ASN A 98 8.44 -16.12 -8.47
N ALA A 99 8.14 -14.84 -8.76
CA ALA A 99 7.72 -14.44 -10.09
C ALA A 99 6.51 -15.23 -10.55
N THR A 100 5.47 -15.26 -9.72
CA THR A 100 4.25 -16.00 -10.03
C THR A 100 3.03 -15.37 -9.38
N CYS A 101 1.90 -15.48 -10.05
CA CYS A 101 0.66 -14.89 -9.55
C CYS A 101 -0.22 -15.96 -8.91
N GLU A 102 -0.57 -15.77 -7.64
CA GLU A 102 -1.32 -16.76 -6.88
C GLU A 102 -2.50 -16.12 -6.16
N MET A 103 -3.46 -16.95 -5.76
CA MET A 103 -4.63 -16.47 -5.03
C MET A 103 -4.37 -16.45 -3.54
N PHE A 104 -4.70 -15.33 -2.90
CA PHE A 104 -4.53 -15.19 -1.47
C PHE A 104 -5.82 -14.71 -0.80
N THR A 105 -5.91 -14.95 0.51
CA THR A 105 -7.14 -14.65 1.25
C THR A 105 -7.21 -13.17 1.60
N TYR A 106 -7.82 -12.38 0.71
CA TYR A 106 -8.03 -10.96 0.98
C TYR A 106 -8.86 -10.73 2.22
N GLY A 107 -8.22 -10.22 3.27
CA GLY A 107 -8.84 -10.14 4.58
C GLY A 107 -9.73 -8.89 4.70
N GLY A 108 -9.55 -7.97 3.76
CA GLY A 108 -10.35 -6.76 3.72
C GLY A 108 -9.47 -5.51 3.80
N ILE A 109 -8.19 -5.71 4.10
CA ILE A 109 -7.23 -4.62 4.13
C ILE A 109 -6.57 -4.41 2.77
N THR A 110 -6.73 -3.22 2.22
CA THR A 110 -6.33 -2.95 0.84
C THR A 110 -4.90 -3.43 0.59
N GLY A 111 -4.00 -3.09 1.51
CA GLY A 111 -2.58 -3.41 1.34
C GLY A 111 -1.89 -2.40 0.43
N ASN A 112 -1.61 -2.81 -0.80
CA ASN A 112 -0.92 -1.95 -1.76
C ASN A 112 -1.41 -2.20 -3.17
N LYS A 113 -0.75 -1.59 -4.15
CA LYS A 113 -1.23 -1.58 -5.52
C LYS A 113 -1.30 -2.99 -6.09
N ASN A 114 -0.47 -3.88 -5.55
CA ASN A 114 -0.43 -5.26 -6.01
C ASN A 114 -1.71 -6.00 -5.67
N ASN A 115 -2.70 -5.89 -6.55
CA ASN A 115 -3.97 -6.58 -6.36
C ASN A 115 -4.69 -6.78 -7.69
N PHE A 116 -4.79 -8.03 -8.12
CA PHE A 116 -5.22 -8.35 -9.48
C PHE A 116 -6.57 -9.05 -9.48
N GLU A 117 -7.28 -8.95 -10.60
CA GLU A 117 -8.55 -9.64 -10.77
C GLU A 117 -8.34 -11.10 -11.14
N SER A 118 -7.26 -11.38 -11.86
CA SER A 118 -7.01 -12.72 -12.38
C SER A 118 -5.53 -12.95 -12.61
N GLU A 119 -5.14 -14.21 -12.75
CA GLU A 119 -3.77 -14.56 -13.11
C GLU A 119 -3.39 -13.97 -14.45
N GLU A 120 -4.34 -13.94 -15.38
CA GLU A 120 -4.13 -13.32 -16.68
C GLU A 120 -3.67 -11.88 -16.55
N GLU A 121 -4.38 -11.11 -15.74
CA GLU A 121 -4.06 -9.71 -15.51
C GLU A 121 -2.65 -9.56 -14.94
N CYS A 122 -2.32 -10.43 -13.98
CA CYS A 122 -0.98 -10.45 -13.41
C CYS A 122 0.09 -10.49 -14.49
N LYS A 123 -0.02 -11.48 -15.37
CA LYS A 123 1.01 -11.72 -16.38
C LYS A 123 1.09 -10.56 -17.36
N GLU A 124 -0.07 -10.10 -17.82
CA GLU A 124 -0.13 -9.06 -18.84
C GLU A 124 0.30 -7.71 -18.27
N THR A 125 -0.01 -7.47 -17.01
CA THR A 125 0.43 -6.27 -16.32
C THR A 125 1.95 -6.24 -16.18
N CYS A 126 2.53 -7.39 -15.84
CA CYS A 126 3.97 -7.52 -15.74
C CYS A 126 4.65 -7.32 -17.09
N LYS A 127 3.97 -7.76 -18.15
CA LYS A 127 4.42 -7.49 -19.51
C LYS A 127 4.39 -5.99 -19.81
N GLY A 128 3.36 -5.31 -19.32
CA GLY A 128 3.24 -3.87 -19.50
C GLY A 128 1.95 -3.51 -20.23
N PHE A 129 0.89 -4.28 -19.96
CA PHE A 129 -0.40 -4.03 -20.57
C PHE A 129 -1.47 -3.80 -19.52
N SER A 130 -2.44 -2.93 -19.84
CA SER A 130 -3.54 -2.63 -18.92
C SER A 130 -4.67 -1.92 -19.64
N GLU A 13 -0.31 15.38 -6.76
CA GLU A 13 0.46 14.15 -6.90
C GLU A 13 0.72 13.50 -5.56
N SER A 14 -0.34 12.94 -4.96
CA SER A 14 -0.24 12.36 -3.62
C SER A 14 0.57 11.07 -3.63
N TRP A 15 0.70 10.48 -4.82
CA TRP A 15 1.50 9.27 -4.98
C TRP A 15 2.98 9.53 -4.68
N VAL A 16 3.35 10.81 -4.68
CA VAL A 16 4.70 11.20 -4.31
C VAL A 16 4.96 10.92 -2.83
N SER A 17 4.02 11.30 -1.99
CA SER A 17 4.13 11.08 -0.55
C SER A 17 4.31 9.59 -0.25
N CYS A 18 3.59 8.75 -0.98
CA CYS A 18 3.70 7.30 -0.84
C CYS A 18 5.14 6.85 -1.00
N LEU A 19 5.89 7.54 -1.86
CA LEU A 19 7.24 7.12 -2.21
C LEU A 19 8.28 7.94 -1.45
N ASP A 20 7.81 8.77 -0.53
CA ASP A 20 8.70 9.62 0.25
C ASP A 20 9.09 8.95 1.56
N PRO A 21 10.16 9.44 2.17
CA PRO A 21 10.59 8.95 3.48
C PRO A 21 9.45 9.04 4.49
N GLU A 22 9.33 8.01 5.33
CA GLU A 22 8.22 7.91 6.28
C GLU A 22 8.15 9.15 7.17
N GLN A 23 6.94 9.61 7.44
CA GLN A 23 6.72 10.67 8.41
C GLN A 23 7.07 10.22 9.82
N VAL A 24 7.85 11.03 10.52
CA VAL A 24 8.25 10.72 11.89
C VAL A 24 7.15 11.07 12.88
N THR A 25 6.91 10.19 13.85
CA THR A 25 5.87 10.38 14.83
C THR A 25 6.20 11.52 15.78
N CYS A 26 5.20 11.96 16.54
CA CYS A 26 5.35 13.11 17.42
C CYS A 26 4.58 12.93 18.71
N GLU A 27 5.20 13.30 19.83
CA GLU A 27 4.60 13.12 21.14
C GLU A 27 4.03 14.44 21.67
N SER A 28 3.93 15.43 20.80
CA SER A 28 3.39 16.73 21.17
C SER A 28 1.86 16.71 21.14
N GLN A 29 1.30 16.30 20.01
CA GLN A 29 -0.15 16.29 19.83
C GLN A 29 -0.69 14.87 19.92
N GLU A 30 -2.00 14.76 20.14
CA GLU A 30 -2.66 13.46 20.23
C GLU A 30 -3.28 13.05 18.90
N GLY A 31 -3.16 13.92 17.91
CA GLY A 31 -3.72 13.66 16.59
C GLY A 31 -2.92 12.59 15.86
N THR A 32 -3.61 11.81 15.03
CA THR A 32 -2.97 10.73 14.29
C THR A 32 -3.08 10.95 12.79
N HIS A 33 -2.30 10.18 12.03
CA HIS A 33 -2.31 10.29 10.58
C HIS A 33 -1.91 8.98 9.92
N ALA A 34 -2.17 8.86 8.62
CA ALA A 34 -1.79 7.67 7.87
C ALA A 34 -0.44 7.87 7.18
N SER A 35 0.30 6.78 7.02
CA SER A 35 1.58 6.82 6.31
C SER A 35 1.93 5.45 5.73
N TYR A 36 2.54 5.45 4.56
CA TYR A 36 2.94 4.21 3.90
C TYR A 36 4.29 3.73 4.42
N ASN A 37 4.26 2.68 5.24
CA ASN A 37 5.48 2.14 5.82
C ASN A 37 6.14 1.14 4.88
N ARG A 38 7.28 1.54 4.31
CA ARG A 38 7.93 0.75 3.27
C ARG A 38 8.57 -0.50 3.85
N LYS A 39 8.75 -0.52 5.16
CA LYS A 39 9.33 -1.68 5.85
C LYS A 39 8.33 -2.82 5.93
N THR A 40 7.05 -2.49 5.82
CA THR A 40 6.00 -3.49 5.87
C THR A 40 5.20 -3.53 4.57
N GLY A 41 5.29 -2.46 3.80
CA GLY A 41 4.68 -2.42 2.47
C GLY A 41 3.17 -2.17 2.58
N GLN A 42 2.78 -1.37 3.55
CA GLN A 42 1.36 -1.11 3.80
C GLN A 42 1.16 0.26 4.45
N CYS A 43 -0.08 0.74 4.41
CA CYS A 43 -0.43 2.00 5.05
C CYS A 43 -0.78 1.78 6.52
N GLU A 44 -0.16 2.59 7.39
CA GLU A 44 -0.33 2.42 8.83
C GLU A 44 -0.67 3.74 9.50
N GLU A 45 -1.49 3.68 10.54
CA GLU A 45 -1.85 4.87 11.30
C GLU A 45 -0.90 5.09 12.47
N GLN A 46 -0.48 6.34 12.65
CA GLN A 46 0.47 6.68 13.70
C GLN A 46 0.21 8.07 14.26
N LYS A 47 0.60 8.28 15.51
CA LYS A 47 0.35 9.55 16.19
C LYS A 47 1.47 10.55 15.94
N GLY A 48 1.08 11.76 15.55
CA GLY A 48 2.05 12.83 15.30
C GLY A 48 1.49 13.88 14.35
N THR A 49 2.11 15.05 14.34
CA THR A 49 1.66 16.15 13.49
C THR A 49 2.82 16.80 12.75
N GLU A 50 3.46 16.03 11.88
CA GLU A 50 4.45 16.58 10.96
C GLU A 50 5.67 17.10 11.71
N CYS A 51 6.03 16.42 12.79
CA CYS A 51 7.21 16.79 13.57
C CYS A 51 8.47 16.17 12.99
N GLY A 52 8.83 16.60 11.78
CA GLY A 52 10.04 16.13 11.13
C GLY A 52 9.79 14.87 10.31
N GLY A 53 10.77 14.48 9.52
CA GLY A 53 10.64 13.31 8.66
C GLY A 53 10.41 13.72 7.21
N GLY A 54 9.84 12.83 6.43
CA GLY A 54 9.54 13.10 5.01
C GLY A 54 8.12 13.63 4.84
N GLU A 55 7.62 13.59 3.62
CA GLU A 55 6.25 14.02 3.33
C GLU A 55 5.30 12.84 3.24
N ASN A 56 5.77 11.68 3.69
CA ASN A 56 4.97 10.46 3.63
C ASN A 56 3.94 10.41 4.75
N HIS A 57 2.84 11.15 4.56
CA HIS A 57 1.71 11.08 5.48
C HIS A 57 0.43 11.55 4.81
N PHE A 58 -0.70 11.05 5.29
CA PHE A 58 -1.98 11.26 4.61
C PHE A 58 -3.08 11.58 5.61
N GLU A 59 -4.15 12.20 5.12
CA GLU A 59 -5.29 12.55 5.97
C GLU A 59 -5.91 11.31 6.60
N THR A 60 -5.97 10.23 5.83
CA THR A 60 -6.52 8.98 6.34
C THR A 60 -5.97 7.78 5.55
N LEU A 61 -6.36 6.58 5.97
CA LEU A 61 -5.80 5.36 5.40
C LEU A 61 -6.27 5.15 3.97
N LEU A 62 -7.49 5.60 3.68
CA LEU A 62 -8.06 5.50 2.35
C LEU A 62 -7.27 6.34 1.35
N LYS A 63 -6.87 7.54 1.78
CA LYS A 63 -6.06 8.41 0.95
C LYS A 63 -4.69 7.80 0.68
N CYS A 64 -4.09 7.21 1.71
CA CYS A 64 -2.82 6.52 1.57
C CYS A 64 -2.91 5.38 0.58
N ASN A 65 -3.92 4.52 0.77
CA ASN A 65 -4.11 3.36 -0.09
C ASN A 65 -4.24 3.77 -1.55
N GLU A 66 -5.12 4.72 -1.82
CA GLU A 66 -5.37 5.17 -3.18
C GLU A 66 -4.13 5.81 -3.79
N SER A 67 -3.42 6.59 -2.99
CA SER A 67 -2.22 7.28 -3.44
C SER A 67 -1.17 6.28 -3.92
N CYS A 68 -1.01 5.19 -3.17
CA CYS A 68 -0.03 4.16 -3.50
C CYS A 68 -0.53 3.28 -4.65
N ASN A 69 -1.84 3.15 -4.76
CA ASN A 69 -2.44 2.42 -5.87
C ASN A 69 -2.27 3.16 -7.18
N ASP A 70 -2.12 4.49 -7.09
CA ASP A 70 -1.91 5.32 -8.27
C ASP A 70 -0.44 5.64 -8.47
N ALA A 71 0.42 4.92 -7.76
CA ALA A 71 1.86 5.12 -7.87
C ALA A 71 2.38 4.67 -9.22
N PRO A 72 3.43 5.33 -9.69
CA PRO A 72 4.01 5.01 -10.99
C PRO A 72 4.85 3.73 -10.93
N LYS A 73 5.14 3.28 -9.71
CA LYS A 73 5.96 2.10 -9.52
C LYS A 73 5.22 0.83 -9.94
N PRO A 74 5.96 -0.12 -10.51
CA PRO A 74 5.37 -1.38 -10.93
C PRO A 74 4.65 -2.07 -9.78
N PRO A 75 3.48 -2.63 -10.07
CA PRO A 75 2.67 -3.30 -9.07
C PRO A 75 3.27 -4.65 -8.70
N CYS A 76 4.20 -5.13 -9.53
CA CYS A 76 4.86 -6.41 -9.28
C CYS A 76 6.18 -6.22 -8.54
N SER A 77 6.43 -4.98 -8.11
CA SER A 77 7.65 -4.67 -7.36
C SER A 77 7.41 -4.81 -5.86
N LEU A 78 6.16 -4.70 -5.44
CA LEU A 78 5.81 -4.79 -4.02
C LEU A 78 5.30 -6.17 -3.67
N GLU A 79 5.29 -6.48 -2.37
CA GLU A 79 4.93 -7.81 -1.90
C GLU A 79 3.43 -7.94 -1.72
N VAL A 80 2.96 -9.18 -1.56
CA VAL A 80 1.53 -9.45 -1.39
C VAL A 80 0.99 -8.76 -0.14
N ASP A 81 -0.11 -8.05 -0.30
CA ASP A 81 -0.76 -7.39 0.83
C ASP A 81 -2.27 -7.37 0.66
N TYR A 82 -2.94 -8.33 1.30
CA TYR A 82 -4.39 -8.44 1.21
C TYR A 82 -5.05 -7.95 2.50
N GLY A 83 -4.30 -7.17 3.28
CA GLY A 83 -4.84 -6.58 4.50
C GLY A 83 -4.87 -7.59 5.64
N VAL A 84 -5.29 -7.13 6.81
CA VAL A 84 -5.44 -8.01 7.97
C VAL A 84 -6.84 -7.91 8.56
N GLY A 85 -7.84 -7.72 7.71
CA GLY A 85 -9.21 -7.52 8.15
C GLY A 85 -9.97 -8.83 8.20
N ARG A 86 -11.29 -8.74 8.12
CA ARG A 86 -12.15 -9.92 8.21
C ARG A 86 -13.19 -9.92 7.10
N ALA A 87 -12.90 -9.22 6.01
CA ALA A 87 -13.72 -9.29 4.81
C ALA A 87 -13.36 -10.51 3.97
N ASN A 88 -14.21 -10.83 3.00
CA ASN A 88 -13.98 -11.97 2.13
C ASN A 88 -14.11 -11.59 0.66
N ILE A 89 -13.13 -10.85 0.15
CA ILE A 89 -13.12 -10.45 -1.24
C ILE A 89 -11.93 -11.04 -1.99
N PRO A 90 -12.19 -12.07 -2.79
CA PRO A 90 -11.14 -12.70 -3.58
C PRO A 90 -10.47 -11.71 -4.50
N ARG A 91 -9.16 -11.57 -4.36
CA ARG A 91 -8.38 -10.70 -5.23
C ARG A 91 -7.01 -11.30 -5.53
N TRP A 92 -6.39 -10.83 -6.60
CA TRP A 92 -5.15 -11.42 -7.10
C TRP A 92 -3.94 -10.60 -6.68
N TYR A 93 -2.89 -11.28 -6.21
CA TYR A 93 -1.67 -10.61 -5.80
C TYR A 93 -0.44 -11.33 -6.36
N TYR A 94 0.59 -10.56 -6.66
CA TYR A 94 1.83 -11.11 -7.19
C TYR A 94 2.79 -11.49 -6.08
N ASP A 95 3.18 -12.77 -6.04
CA ASP A 95 4.17 -13.24 -5.07
C ASP A 95 5.58 -13.04 -5.60
N THR A 96 6.30 -12.10 -4.99
CA THR A 96 7.62 -11.71 -5.48
C THR A 96 8.67 -12.74 -5.12
N ASN A 97 8.37 -13.56 -4.12
CA ASN A 97 9.31 -14.58 -3.64
C ASN A 97 9.25 -15.83 -4.49
N ASN A 98 8.05 -16.17 -4.95
CA ASN A 98 7.85 -17.34 -5.80
C ASN A 98 7.62 -16.94 -7.25
N ALA A 99 7.54 -15.63 -7.48
CA ALA A 99 7.37 -15.11 -8.84
C ALA A 99 6.13 -15.70 -9.51
N THR A 100 5.00 -15.60 -8.84
CA THR A 100 3.75 -16.18 -9.34
C THR A 100 2.55 -15.41 -8.84
N CYS A 101 1.46 -15.46 -9.61
CA CYS A 101 0.24 -14.77 -9.26
C CYS A 101 -0.76 -15.71 -8.59
N GLU A 102 -1.22 -15.33 -7.40
CA GLU A 102 -2.13 -16.17 -6.62
C GLU A 102 -3.30 -15.37 -6.07
N MET A 103 -4.41 -16.05 -5.82
CA MET A 103 -5.58 -15.40 -5.25
C MET A 103 -5.53 -15.41 -3.73
N PHE A 104 -5.79 -14.25 -3.13
CA PHE A 104 -5.84 -14.13 -1.68
C PHE A 104 -7.14 -13.50 -1.21
N THR A 105 -7.47 -13.69 0.06
CA THR A 105 -8.70 -13.15 0.63
C THR A 105 -8.47 -11.73 1.15
N TYR A 106 -8.97 -10.74 0.42
CA TYR A 106 -8.81 -9.34 0.81
C TYR A 106 -9.61 -9.04 2.07
N GLY A 107 -8.92 -8.53 3.09
CA GLY A 107 -9.52 -8.34 4.40
C GLY A 107 -10.19 -6.97 4.50
N GLY A 108 -9.85 -6.08 3.59
CA GLY A 108 -10.48 -4.77 3.51
C GLY A 108 -9.63 -3.70 4.18
N ILE A 109 -8.39 -4.05 4.49
CA ILE A 109 -7.49 -3.14 5.18
C ILE A 109 -6.43 -2.58 4.25
N THR A 110 -6.68 -1.39 3.72
CA THR A 110 -5.71 -0.71 2.88
C THR A 110 -5.10 -1.65 1.85
N GLY A 111 -3.78 -1.60 1.71
CA GLY A 111 -3.08 -2.41 0.72
C GLY A 111 -1.92 -1.64 0.10
N ASN A 112 -1.52 -2.07 -1.10
CA ASN A 112 -0.46 -1.38 -1.83
C ASN A 112 -0.63 -1.55 -3.33
N LYS A 113 0.33 -1.05 -4.09
CA LYS A 113 0.25 -1.07 -5.55
C LYS A 113 0.03 -2.47 -6.08
N ASN A 114 0.63 -3.44 -5.40
CA ASN A 114 0.45 -4.85 -5.75
C ASN A 114 -0.96 -5.32 -5.41
N ASN A 115 -1.89 -5.07 -6.34
CA ASN A 115 -3.29 -5.43 -6.12
C ASN A 115 -4.05 -5.50 -7.45
N PHE A 116 -4.41 -6.72 -7.84
CA PHE A 116 -4.90 -6.97 -9.19
C PHE A 116 -6.33 -7.49 -9.17
N GLU A 117 -7.07 -7.23 -10.25
CA GLU A 117 -8.43 -7.70 -10.37
C GLU A 117 -8.48 -9.12 -10.94
N SER A 118 -7.48 -9.47 -11.74
CA SER A 118 -7.46 -10.75 -12.45
C SER A 118 -6.04 -11.29 -12.55
N GLU A 119 -5.94 -12.60 -12.76
CA GLU A 119 -4.66 -13.24 -12.98
C GLU A 119 -3.95 -12.68 -14.20
N GLU A 120 -4.71 -12.50 -15.28
CA GLU A 120 -4.18 -11.92 -16.51
C GLU A 120 -3.53 -10.57 -16.24
N GLU A 121 -4.26 -9.69 -15.55
CA GLU A 121 -3.73 -8.38 -15.19
C GLU A 121 -2.42 -8.51 -14.43
N CYS A 122 -2.40 -9.35 -13.41
CA CYS A 122 -1.19 -9.59 -12.63
C CYS A 122 0.00 -9.90 -13.52
N LYS A 123 -0.15 -10.93 -14.35
CA LYS A 123 0.96 -11.43 -15.15
C LYS A 123 1.41 -10.40 -16.18
N GLU A 124 0.44 -9.72 -16.79
CA GLU A 124 0.73 -8.78 -17.87
C GLU A 124 1.43 -7.54 -17.36
N THR A 125 1.06 -7.10 -16.17
CA THR A 125 1.70 -5.94 -15.54
C THR A 125 3.09 -6.29 -15.05
N CYS A 126 3.32 -7.56 -14.75
CA CYS A 126 4.66 -8.05 -14.46
C CYS A 126 5.53 -8.09 -15.72
N LYS A 127 4.90 -8.40 -16.85
CA LYS A 127 5.56 -8.28 -18.15
C LYS A 127 5.92 -6.84 -18.46
N GLY A 128 5.08 -5.92 -18.00
CA GLY A 128 5.34 -4.49 -18.20
C GLY A 128 4.19 -3.82 -18.94
N PHE A 129 2.97 -4.30 -18.70
CA PHE A 129 1.78 -3.70 -19.28
C PHE A 129 1.50 -2.34 -18.66
N SER A 130 1.34 -1.33 -19.52
CA SER A 130 1.06 0.02 -19.06
C SER A 130 0.49 0.88 -20.18
N GLU A 13 1.93 16.66 -6.65
CA GLU A 13 0.84 15.71 -6.54
C GLU A 13 1.03 14.75 -5.38
N SER A 14 -0.07 14.28 -4.81
CA SER A 14 -0.03 13.61 -3.51
C SER A 14 0.68 12.27 -3.60
N TRP A 15 0.62 11.66 -4.78
CA TRP A 15 1.19 10.32 -4.98
C TRP A 15 2.70 10.35 -4.77
N VAL A 16 3.30 11.53 -4.89
CA VAL A 16 4.73 11.69 -4.70
C VAL A 16 5.15 11.34 -3.28
N SER A 17 4.25 11.59 -2.33
CA SER A 17 4.54 11.38 -0.92
C SER A 17 4.69 9.89 -0.61
N CYS A 18 4.26 9.05 -1.54
CA CYS A 18 4.39 7.61 -1.39
C CYS A 18 5.81 7.15 -1.69
N LEU A 19 6.61 8.04 -2.28
CA LEU A 19 8.02 7.78 -2.54
C LEU A 19 8.91 8.54 -1.57
N ASP A 20 8.37 9.62 -1.01
CA ASP A 20 9.11 10.43 -0.04
C ASP A 20 9.39 9.65 1.23
N PRO A 21 10.43 10.06 1.95
CA PRO A 21 10.80 9.41 3.20
C PRO A 21 9.62 9.38 4.17
N GLU A 22 9.48 8.25 4.88
CA GLU A 22 8.36 8.07 5.79
C GLU A 22 8.31 9.18 6.83
N GLN A 23 7.09 9.60 7.19
CA GLN A 23 6.89 10.53 8.29
C GLN A 23 7.21 9.87 9.62
N VAL A 24 8.01 10.55 10.43
CA VAL A 24 8.42 10.03 11.74
C VAL A 24 7.31 10.19 12.76
N THR A 25 7.01 9.10 13.47
CA THR A 25 6.02 9.14 14.54
C THR A 25 6.50 9.99 15.70
N CYS A 26 5.56 10.67 16.35
CA CYS A 26 5.89 11.61 17.42
C CYS A 26 5.26 11.18 18.74
N GLU A 27 5.94 11.49 19.83
CA GLU A 27 5.45 11.14 21.16
C GLU A 27 4.33 12.08 21.60
N SER A 28 3.15 11.90 21.00
CA SER A 28 2.01 12.75 21.31
C SER A 28 0.70 11.96 21.21
N GLN A 29 -0.24 12.29 22.09
CA GLN A 29 -1.55 11.63 22.09
C GLN A 29 -2.64 12.57 21.57
N GLU A 30 -2.22 13.65 20.93
CA GLU A 30 -3.16 14.67 20.45
C GLU A 30 -3.99 14.13 19.29
N GLY A 31 -3.40 13.25 18.50
CA GLY A 31 -4.09 12.66 17.36
C GLY A 31 -3.16 11.74 16.58
N THR A 32 -3.64 11.26 15.43
CA THR A 32 -2.89 10.33 14.61
C THR A 32 -2.81 10.81 13.16
N HIS A 33 -2.02 10.10 12.36
CA HIS A 33 -1.94 10.39 10.92
C HIS A 33 -1.51 9.16 10.14
N ALA A 34 -1.75 9.18 8.84
CA ALA A 34 -1.40 8.06 7.97
C ALA A 34 -0.05 8.27 7.31
N SER A 35 0.64 7.17 7.01
CA SER A 35 1.89 7.23 6.27
C SER A 35 2.13 5.94 5.48
N TYR A 36 2.72 6.08 4.30
CA TYR A 36 2.94 4.95 3.41
C TYR A 36 4.27 4.28 3.71
N ASN A 37 4.22 3.03 4.14
CA ASN A 37 5.44 2.27 4.46
C ASN A 37 6.02 1.62 3.21
N ARG A 38 7.12 2.18 2.72
CA ARG A 38 7.66 1.81 1.42
C ARG A 38 8.30 0.41 1.47
N LYS A 39 8.59 -0.05 2.68
CA LYS A 39 9.27 -1.32 2.87
C LYS A 39 8.30 -2.49 2.71
N THR A 40 7.02 -2.22 2.90
CA THR A 40 5.99 -3.25 2.84
C THR A 40 5.03 -3.00 1.68
N GLY A 41 4.92 -1.74 1.28
CA GLY A 41 3.98 -1.36 0.23
C GLY A 41 2.57 -1.16 0.78
N GLN A 42 2.49 -0.76 2.05
CA GLN A 42 1.21 -0.63 2.73
C GLN A 42 1.13 0.66 3.51
N CYS A 43 -0.08 1.20 3.65
CA CYS A 43 -0.30 2.40 4.44
C CYS A 43 -0.59 2.06 5.90
N GLU A 44 0.06 2.77 6.81
CA GLU A 44 -0.08 2.51 8.23
C GLU A 44 -0.45 3.77 9.00
N GLU A 45 -1.23 3.60 10.06
CA GLU A 45 -1.61 4.72 10.92
C GLU A 45 -0.74 4.77 12.17
N GLN A 46 -0.30 5.98 12.53
CA GLN A 46 0.60 6.16 13.66
C GLN A 46 0.27 7.44 14.43
N LYS A 47 0.66 7.48 15.69
CA LYS A 47 0.42 8.64 16.54
C LYS A 47 1.48 9.71 16.31
N GLY A 48 1.10 10.96 16.50
CA GLY A 48 2.05 12.07 16.46
C GLY A 48 1.44 13.30 15.80
N THR A 49 2.24 14.35 15.66
CA THR A 49 1.78 15.60 15.08
C THR A 49 2.60 15.99 13.87
N GLU A 50 3.17 14.99 13.20
CA GLU A 50 4.02 15.23 12.04
C GLU A 50 5.17 16.16 12.38
N CYS A 51 6.15 15.64 13.13
CA CYS A 51 7.23 16.46 13.65
C CYS A 51 8.59 15.91 13.23
N GLY A 52 8.87 15.94 11.94
CA GLY A 52 10.15 15.50 11.42
C GLY A 52 9.99 14.30 10.49
N GLY A 53 10.94 14.13 9.58
CA GLY A 53 10.87 13.08 8.57
C GLY A 53 10.69 13.66 7.18
N GLY A 54 10.07 12.89 6.29
CA GLY A 54 9.81 13.33 4.93
C GLY A 54 8.40 13.92 4.82
N GLU A 55 7.91 14.01 3.59
CA GLU A 55 6.55 14.49 3.34
C GLU A 55 5.57 13.34 3.23
N ASN A 56 6.03 12.14 3.59
CA ASN A 56 5.21 10.94 3.49
C ASN A 56 4.19 10.87 4.63
N HIS A 57 3.11 11.63 4.49
CA HIS A 57 2.03 11.61 5.47
C HIS A 57 0.71 11.99 4.83
N PHE A 58 -0.38 11.43 5.33
CA PHE A 58 -1.70 11.64 4.75
C PHE A 58 -2.75 11.85 5.84
N GLU A 59 -3.83 12.55 5.48
CA GLU A 59 -4.90 12.82 6.43
C GLU A 59 -5.62 11.55 6.84
N THR A 60 -5.87 10.67 5.87
CA THR A 60 -6.53 9.40 6.14
C THR A 60 -5.81 8.25 5.47
N LEU A 61 -6.11 7.03 5.90
CA LEU A 61 -5.54 5.83 5.28
C LEU A 61 -6.06 5.63 3.86
N LEU A 62 -7.29 6.05 3.63
CA LEU A 62 -7.89 6.00 2.29
C LEU A 62 -7.19 6.97 1.35
N LYS A 63 -6.88 8.16 1.86
CA LYS A 63 -6.11 9.14 1.10
C LYS A 63 -4.73 8.62 0.74
N CYS A 64 -4.11 7.93 1.70
CA CYS A 64 -2.83 7.27 1.45
C CYS A 64 -2.94 6.23 0.35
N ASN A 65 -3.93 5.34 0.49
CA ASN A 65 -4.13 4.27 -0.46
C ASN A 65 -4.35 4.81 -1.88
N GLU A 66 -5.25 5.78 -1.99
CA GLU A 66 -5.59 6.35 -3.29
C GLU A 66 -4.39 7.04 -3.93
N SER A 67 -3.64 7.77 -3.12
CA SER A 67 -2.46 8.47 -3.60
C SER A 67 -1.42 7.49 -4.12
N CYS A 68 -1.22 6.40 -3.39
CA CYS A 68 -0.21 5.41 -3.76
C CYS A 68 -0.70 4.51 -4.88
N ASN A 69 -2.01 4.49 -5.10
CA ASN A 69 -2.58 3.85 -6.27
C ASN A 69 -2.39 4.69 -7.52
N ASP A 70 -2.38 6.01 -7.34
CA ASP A 70 -2.05 6.93 -8.42
C ASP A 70 -0.56 6.87 -8.76
N ALA A 71 0.25 6.54 -7.76
CA ALA A 71 1.68 6.38 -7.97
C ALA A 71 1.96 5.25 -8.95
N PRO A 72 3.06 5.38 -9.69
CA PRO A 72 3.37 4.46 -10.78
C PRO A 72 4.11 3.23 -10.27
N LYS A 73 4.27 3.15 -8.95
CA LYS A 73 5.02 2.07 -8.34
C LYS A 73 4.45 0.70 -8.73
N PRO A 74 5.33 -0.17 -9.22
CA PRO A 74 4.91 -1.49 -9.69
C PRO A 74 4.18 -2.25 -8.60
N PRO A 75 2.99 -2.76 -8.91
CA PRO A 75 2.24 -3.59 -7.99
C PRO A 75 3.07 -4.79 -7.52
N CYS A 76 3.98 -5.24 -8.38
CA CYS A 76 4.81 -6.39 -8.06
C CYS A 76 5.62 -6.15 -6.79
N SER A 77 5.96 -4.89 -6.54
CA SER A 77 6.84 -4.54 -5.43
C SER A 77 6.03 -4.33 -4.15
N LEU A 78 4.72 -4.55 -4.23
CA LEU A 78 3.84 -4.31 -3.10
C LEU A 78 3.41 -5.63 -2.46
N GLU A 79 3.29 -5.62 -1.13
CA GLU A 79 2.91 -6.81 -0.39
C GLU A 79 1.45 -7.16 -0.61
N VAL A 80 1.13 -8.45 -0.59
CA VAL A 80 -0.25 -8.91 -0.65
C VAL A 80 -1.17 -8.01 0.17
N ASP A 81 -2.27 -7.60 -0.43
CA ASP A 81 -3.23 -6.74 0.25
C ASP A 81 -4.66 -7.07 -0.19
N TYR A 82 -5.32 -7.94 0.56
CA TYR A 82 -6.69 -8.32 0.27
C TYR A 82 -7.68 -7.57 1.17
N GLY A 83 -7.21 -6.48 1.77
CA GLY A 83 -8.07 -5.63 2.57
C GLY A 83 -8.31 -6.23 3.95
N VAL A 84 -9.18 -5.58 4.73
CA VAL A 84 -9.55 -6.09 6.05
C VAL A 84 -11.07 -6.13 6.20
N GLY A 85 -11.75 -6.60 5.16
CA GLY A 85 -13.20 -6.66 5.16
C GLY A 85 -13.71 -7.99 5.70
N ARG A 86 -14.91 -8.38 5.27
CA ARG A 86 -15.55 -9.59 5.78
C ARG A 86 -15.94 -10.53 4.65
N ALA A 87 -15.68 -10.09 3.41
CA ALA A 87 -15.97 -10.91 2.24
C ALA A 87 -14.86 -11.93 2.01
N ASN A 88 -15.16 -12.94 1.20
CA ASN A 88 -14.18 -13.98 0.86
C ASN A 88 -14.18 -14.26 -0.63
N ILE A 89 -13.71 -13.30 -1.42
CA ILE A 89 -13.64 -13.46 -2.86
C ILE A 89 -12.23 -13.79 -3.32
N PRO A 90 -12.06 -14.97 -3.90
CA PRO A 90 -10.75 -15.41 -4.39
C PRO A 90 -10.18 -14.41 -5.38
N ARG A 91 -9.12 -13.72 -4.96
CA ARG A 91 -8.40 -12.81 -5.85
C ARG A 91 -6.90 -13.07 -5.80
N TRP A 92 -6.23 -12.83 -6.93
CA TRP A 92 -4.81 -13.16 -7.06
C TRP A 92 -3.95 -12.04 -6.51
N TYR A 93 -3.01 -12.40 -5.64
CA TYR A 93 -2.07 -11.42 -5.08
C TYR A 93 -0.64 -11.94 -5.15
N TYR A 94 0.30 -11.04 -5.38
CA TYR A 94 1.71 -11.40 -5.48
C TYR A 94 2.39 -11.32 -4.12
N ASP A 95 2.95 -12.44 -3.67
CA ASP A 95 3.71 -12.47 -2.42
C ASP A 95 5.17 -12.15 -2.66
N THR A 96 5.61 -10.99 -2.16
CA THR A 96 6.95 -10.49 -2.43
C THR A 96 7.99 -11.24 -1.61
N ASN A 97 7.54 -11.86 -0.52
CA ASN A 97 8.45 -12.57 0.37
C ASN A 97 8.73 -13.99 -0.13
N ASN A 98 7.72 -14.61 -0.73
CA ASN A 98 7.85 -15.95 -1.28
C ASN A 98 7.94 -15.92 -2.80
N ALA A 99 7.78 -14.74 -3.37
CA ALA A 99 7.89 -14.56 -4.81
C ALA A 99 6.93 -15.48 -5.55
N THR A 100 5.66 -15.43 -5.18
CA THR A 100 4.65 -16.28 -5.78
C THR A 100 3.27 -15.62 -5.76
N CYS A 101 2.46 -15.92 -6.76
CA CYS A 101 1.14 -15.33 -6.88
C CYS A 101 0.05 -16.33 -6.48
N GLU A 102 -0.71 -15.99 -5.45
CA GLU A 102 -1.70 -16.91 -4.90
C GLU A 102 -3.03 -16.22 -4.66
N MET A 103 -4.09 -17.01 -4.50
CA MET A 103 -5.41 -16.47 -4.24
C MET A 103 -5.63 -16.22 -2.76
N PHE A 104 -6.14 -15.05 -2.42
CA PHE A 104 -6.47 -14.71 -1.04
C PHE A 104 -7.91 -14.23 -0.91
N THR A 105 -8.42 -14.25 0.32
CA THR A 105 -9.82 -13.89 0.57
C THR A 105 -10.01 -12.37 0.52
N TYR A 106 -10.32 -11.86 -0.67
CA TYR A 106 -10.60 -10.44 -0.83
C TYR A 106 -11.73 -9.99 0.08
N GLY A 107 -11.39 -9.16 1.07
CA GLY A 107 -12.34 -8.77 2.11
C GLY A 107 -13.31 -7.72 1.59
N GLY A 108 -12.91 -7.02 0.53
CA GLY A 108 -13.76 -5.99 -0.07
C GLY A 108 -13.02 -4.65 -0.14
N ILE A 109 -11.84 -4.60 0.47
CA ILE A 109 -11.03 -3.40 0.43
C ILE A 109 -9.78 -3.61 -0.43
N THR A 110 -9.68 -2.84 -1.51
CA THR A 110 -8.60 -3.02 -2.48
C THR A 110 -7.25 -2.67 -1.88
N GLY A 111 -7.19 -1.51 -1.22
CA GLY A 111 -5.96 -1.05 -0.59
C GLY A 111 -4.95 -0.59 -1.64
N ASN A 112 -3.82 -1.27 -1.69
CA ASN A 112 -2.75 -0.90 -2.62
C ASN A 112 -2.98 -1.52 -3.99
N LYS A 113 -1.99 -1.40 -4.87
CA LYS A 113 -2.17 -1.72 -6.28
C LYS A 113 -2.07 -3.22 -6.51
N ASN A 114 -1.67 -3.95 -5.48
CA ASN A 114 -1.49 -5.40 -5.58
C ASN A 114 -2.83 -6.12 -5.61
N ASN A 115 -3.34 -6.37 -6.82
CA ASN A 115 -4.60 -7.07 -6.99
C ASN A 115 -4.80 -7.47 -8.45
N PHE A 116 -4.57 -8.75 -8.75
CA PHE A 116 -4.42 -9.20 -10.12
C PHE A 116 -5.59 -10.08 -10.54
N GLU A 117 -5.81 -10.16 -11.85
CA GLU A 117 -6.88 -10.98 -12.40
C GLU A 117 -6.44 -12.44 -12.53
N SER A 118 -5.14 -12.65 -12.69
CA SER A 118 -4.59 -13.98 -12.88
C SER A 118 -3.15 -14.06 -12.39
N GLU A 119 -2.67 -15.28 -12.18
CA GLU A 119 -1.28 -15.49 -11.79
C GLU A 119 -0.33 -15.19 -12.94
N GLU A 120 -0.86 -15.17 -14.16
CA GLU A 120 -0.10 -14.76 -15.33
C GLU A 120 0.13 -13.25 -15.32
N GLU A 121 -0.89 -12.50 -14.94
CA GLU A 121 -0.77 -11.05 -14.80
C GLU A 121 0.25 -10.69 -13.73
N CYS A 122 0.23 -11.43 -12.63
CA CYS A 122 1.25 -11.29 -11.59
C CYS A 122 2.65 -11.34 -12.18
N LYS A 123 2.93 -12.41 -12.92
CA LYS A 123 4.26 -12.64 -13.49
C LYS A 123 4.64 -11.54 -14.48
N GLU A 124 3.70 -11.19 -15.35
CA GLU A 124 3.95 -10.21 -16.40
C GLU A 124 4.16 -8.82 -15.82
N THR A 125 3.45 -8.52 -14.74
CA THR A 125 3.63 -7.26 -14.02
C THR A 125 5.05 -7.16 -13.46
N CYS A 126 5.54 -8.26 -12.91
CA CYS A 126 6.88 -8.30 -12.36
C CYS A 126 7.94 -8.22 -13.46
N LYS A 127 7.61 -8.75 -14.63
CA LYS A 127 8.46 -8.61 -15.81
C LYS A 127 8.55 -7.15 -16.24
N GLY A 128 7.45 -6.42 -16.07
CA GLY A 128 7.44 -4.99 -16.36
C GLY A 128 6.51 -4.68 -17.53
N PHE A 129 5.42 -5.43 -17.63
CA PHE A 129 4.44 -5.22 -18.69
C PHE A 129 3.13 -4.69 -18.12
N SER A 130 3.22 -3.90 -17.06
CA SER A 130 2.05 -3.34 -16.42
C SER A 130 2.41 -2.19 -15.50
N GLU A 13 2.59 15.84 -6.46
CA GLU A 13 1.54 14.81 -6.46
C GLU A 13 1.71 13.87 -5.27
N SER A 14 0.59 13.41 -4.73
CA SER A 14 0.57 12.82 -3.40
C SER A 14 1.22 11.44 -3.40
N TRP A 15 1.27 10.82 -4.57
CA TRP A 15 1.74 9.44 -4.68
C TRP A 15 3.20 9.33 -4.24
N VAL A 16 3.91 10.45 -4.28
CA VAL A 16 5.33 10.47 -3.92
C VAL A 16 5.52 10.14 -2.44
N SER A 17 4.48 10.37 -1.65
CA SER A 17 4.55 10.17 -0.20
C SER A 17 4.71 8.69 0.14
N CYS A 18 4.34 7.84 -0.81
CA CYS A 18 4.45 6.39 -0.61
C CYS A 18 5.88 5.92 -0.77
N LEU A 19 6.73 6.77 -1.32
CA LEU A 19 8.15 6.45 -1.46
C LEU A 19 8.99 7.28 -0.50
N ASP A 20 8.46 8.41 -0.07
CA ASP A 20 9.17 9.30 0.85
C ASP A 20 9.33 8.64 2.22
N PRO A 21 10.35 9.07 2.96
CA PRO A 21 10.61 8.53 4.30
C PRO A 21 9.38 8.66 5.18
N GLU A 22 9.13 7.63 5.99
CA GLU A 22 7.97 7.61 6.87
C GLU A 22 7.97 8.82 7.80
N GLN A 23 6.80 9.44 7.95
CA GLN A 23 6.65 10.57 8.86
C GLN A 23 7.02 10.19 10.28
N VAL A 24 7.84 11.01 10.92
CA VAL A 24 8.30 10.74 12.27
C VAL A 24 7.16 10.87 13.28
N THR A 25 7.02 9.86 14.14
CA THR A 25 6.01 9.90 15.20
C THR A 25 6.23 11.08 16.13
N CYS A 26 5.14 11.79 16.43
CA CYS A 26 5.23 13.04 17.16
C CYS A 26 4.14 13.15 18.21
N GLU A 27 4.51 13.57 19.42
CA GLU A 27 3.55 13.75 20.50
C GLU A 27 2.77 15.04 20.33
N SER A 28 1.93 15.09 19.29
CA SER A 28 1.13 16.27 19.00
C SER A 28 -0.22 16.20 19.71
N GLN A 29 -0.69 17.35 20.20
CA GLN A 29 -1.92 17.41 20.96
C GLN A 29 -3.13 17.04 20.10
N GLU A 30 -3.70 15.86 20.36
CA GLU A 30 -4.80 15.37 19.55
C GLU A 30 -4.44 15.32 18.07
N GLY A 31 -3.19 14.95 17.79
CA GLY A 31 -2.72 14.83 16.42
C GLY A 31 -2.68 13.38 15.97
N THR A 32 -2.90 13.14 14.68
CA THR A 32 -2.88 11.80 14.12
C THR A 32 -2.94 11.83 12.61
N HIS A 33 -2.32 10.84 11.97
CA HIS A 33 -2.27 10.77 10.52
C HIS A 33 -2.04 9.35 10.04
N ALA A 34 -2.31 9.09 8.76
CA ALA A 34 -1.97 7.82 8.14
C ALA A 34 -0.62 7.90 7.45
N SER A 35 0.04 6.75 7.33
CA SER A 35 1.36 6.68 6.72
C SER A 35 1.59 5.34 6.02
N TYR A 36 2.36 5.37 4.94
CA TYR A 36 2.67 4.15 4.20
C TYR A 36 3.96 3.52 4.71
N ASN A 37 3.85 2.38 5.37
CA ASN A 37 5.00 1.69 5.93
C ASN A 37 5.69 0.83 4.88
N ARG A 38 6.82 1.30 4.37
CA ARG A 38 7.44 0.70 3.19
C ARG A 38 8.05 -0.66 3.52
N LYS A 39 8.26 -0.91 4.81
CA LYS A 39 8.84 -2.16 5.25
C LYS A 39 7.82 -3.30 5.20
N THR A 40 6.55 -2.93 5.16
CA THR A 40 5.47 -3.93 5.12
C THR A 40 4.68 -3.81 3.82
N GLY A 41 4.70 -2.62 3.23
CA GLY A 41 3.92 -2.34 2.04
C GLY A 41 2.47 -2.04 2.38
N GLN A 42 2.25 -1.55 3.60
CA GLN A 42 0.90 -1.34 4.11
C GLN A 42 0.73 0.08 4.64
N CYS A 43 -0.52 0.47 4.87
CA CYS A 43 -0.81 1.77 5.47
C CYS A 43 -1.28 1.62 6.91
N GLU A 44 -0.93 2.59 7.75
CA GLU A 44 -1.28 2.55 9.16
C GLU A 44 -1.40 3.95 9.74
N GLU A 45 -2.13 4.07 10.85
CA GLU A 45 -2.34 5.36 11.50
C GLU A 45 -1.42 5.52 12.71
N GLN A 46 -0.87 6.72 12.87
CA GLN A 46 0.06 6.99 13.95
C GLN A 46 -0.09 8.42 14.47
N LYS A 47 0.35 8.65 15.69
CA LYS A 47 0.24 9.98 16.30
C LYS A 47 1.34 10.91 15.81
N GLY A 48 0.96 12.13 15.47
CA GLY A 48 1.93 13.16 15.12
C GLY A 48 1.36 14.11 14.07
N THR A 49 1.91 15.31 14.01
CA THR A 49 1.51 16.29 12.99
C THR A 49 2.73 16.95 12.37
N GLU A 50 3.41 16.22 11.50
CA GLU A 50 4.46 16.80 10.66
C GLU A 50 5.59 17.35 11.51
N CYS A 51 6.15 16.51 12.37
CA CYS A 51 7.31 16.87 13.18
C CYS A 51 8.58 16.22 12.65
N GLY A 52 8.98 16.60 11.43
CA GLY A 52 10.20 16.08 10.83
C GLY A 52 9.93 14.80 10.05
N GLY A 53 10.94 14.35 9.31
CA GLY A 53 10.81 13.17 8.47
C GLY A 53 10.56 13.56 7.01
N GLY A 54 9.95 12.65 6.26
CA GLY A 54 9.61 12.92 4.87
C GLY A 54 8.19 13.46 4.74
N GLU A 55 7.62 13.32 3.55
CA GLU A 55 6.24 13.74 3.30
C GLU A 55 5.29 12.56 3.36
N ASN A 56 5.76 11.46 3.96
CA ASN A 56 4.97 10.24 4.03
C ASN A 56 3.90 10.32 5.11
N HIS A 57 2.83 11.05 4.84
CA HIS A 57 1.68 11.11 5.73
C HIS A 57 0.42 11.51 4.99
N PHE A 58 -0.72 11.01 5.44
CA PHE A 58 -1.97 11.15 4.70
C PHE A 58 -3.12 11.52 5.64
N GLU A 59 -4.17 12.10 5.07
CA GLU A 59 -5.37 12.41 5.83
C GLU A 59 -5.94 11.17 6.50
N THR A 60 -6.04 10.09 5.74
CA THR A 60 -6.53 8.83 6.28
C THR A 60 -6.00 7.65 5.47
N LEU A 61 -6.50 6.45 5.77
CA LEU A 61 -5.98 5.23 5.17
C LEU A 61 -6.42 5.10 3.72
N LEU A 62 -7.61 5.62 3.42
CA LEU A 62 -8.12 5.64 2.05
C LEU A 62 -7.24 6.49 1.16
N LYS A 63 -6.73 7.60 1.70
CA LYS A 63 -5.89 8.52 0.96
C LYS A 63 -4.48 7.96 0.80
N CYS A 64 -4.04 7.20 1.78
CA CYS A 64 -2.80 6.44 1.68
C CYS A 64 -2.87 5.41 0.56
N ASN A 65 -3.95 4.64 0.54
CA ASN A 65 -4.14 3.61 -0.49
C ASN A 65 -4.23 4.23 -1.88
N GLU A 66 -5.04 5.27 -2.00
CA GLU A 66 -5.25 5.92 -3.29
C GLU A 66 -3.95 6.50 -3.83
N SER A 67 -3.21 7.19 -2.98
CA SER A 67 -1.95 7.82 -3.37
C SER A 67 -0.97 6.79 -3.91
N CYS A 68 -0.87 5.65 -3.21
CA CYS A 68 0.02 4.57 -3.62
C CYS A 68 -0.45 3.93 -4.92
N ASN A 69 -1.76 3.83 -5.08
CA ASN A 69 -2.35 3.28 -6.29
C ASN A 69 -2.10 4.20 -7.48
N ASP A 70 -1.97 5.49 -7.21
CA ASP A 70 -1.78 6.48 -8.27
C ASP A 70 -0.30 6.64 -8.61
N ALA A 71 0.54 5.90 -7.91
CA ALA A 71 1.98 5.91 -8.18
C ALA A 71 2.31 5.25 -9.51
N PRO A 72 3.30 5.78 -10.21
CA PRO A 72 3.68 5.26 -11.52
C PRO A 72 4.46 3.96 -11.39
N LYS A 73 4.96 3.69 -10.19
CA LYS A 73 5.71 2.45 -9.92
C LYS A 73 4.87 1.22 -10.23
N PRO A 74 5.36 0.39 -11.13
CA PRO A 74 4.66 -0.83 -11.51
C PRO A 74 4.36 -1.71 -10.30
N PRO A 75 3.15 -2.23 -10.24
CA PRO A 75 2.76 -3.12 -9.14
C PRO A 75 3.46 -4.47 -9.24
N CYS A 76 3.99 -4.77 -10.42
CA CYS A 76 4.68 -6.02 -10.66
C CYS A 76 6.14 -5.94 -10.24
N SER A 77 6.50 -4.84 -9.60
CA SER A 77 7.79 -4.72 -8.93
C SER A 77 7.65 -4.94 -7.42
N LEU A 78 6.41 -5.16 -6.98
CA LEU A 78 6.12 -5.28 -5.56
C LEU A 78 5.87 -6.74 -5.18
N GLU A 79 6.03 -7.04 -3.89
CA GLU A 79 5.80 -8.39 -3.39
C GLU A 79 4.34 -8.59 -2.98
N VAL A 80 3.95 -9.84 -2.77
CA VAL A 80 2.59 -10.16 -2.36
C VAL A 80 2.27 -9.56 -0.99
N ASP A 81 1.11 -8.93 -0.89
CA ASP A 81 0.66 -8.37 0.38
C ASP A 81 -0.86 -8.40 0.50
N TYR A 82 -1.36 -9.44 1.17
CA TYR A 82 -2.80 -9.61 1.32
C TYR A 82 -3.27 -9.20 2.71
N GLY A 83 -2.43 -8.43 3.40
CA GLY A 83 -2.79 -7.91 4.71
C GLY A 83 -2.58 -8.95 5.80
N VAL A 84 -2.81 -8.55 7.05
CA VAL A 84 -2.72 -9.48 8.17
C VAL A 84 -3.96 -9.39 9.06
N GLY A 85 -5.13 -9.36 8.42
CA GLY A 85 -6.37 -9.09 9.14
C GLY A 85 -7.11 -10.39 9.44
N ARG A 86 -8.43 -10.38 9.24
CA ARG A 86 -9.28 -11.48 9.65
C ARG A 86 -10.36 -11.77 8.61
N ALA A 87 -10.45 -10.92 7.60
CA ALA A 87 -11.40 -11.11 6.52
C ALA A 87 -10.97 -12.24 5.60
N ASN A 88 -11.91 -12.72 4.79
CA ASN A 88 -11.64 -13.80 3.86
C ASN A 88 -12.09 -13.46 2.45
N ILE A 89 -11.38 -12.54 1.81
CA ILE A 89 -11.70 -12.13 0.45
C ILE A 89 -10.63 -12.61 -0.54
N PRO A 90 -11.05 -13.41 -1.51
CA PRO A 90 -10.14 -13.94 -2.51
C PRO A 90 -9.69 -12.85 -3.48
N ARG A 91 -8.40 -12.52 -3.44
CA ARG A 91 -7.84 -11.51 -4.32
C ARG A 91 -6.50 -11.95 -4.88
N TRP A 92 -6.14 -11.41 -6.05
CA TRP A 92 -4.96 -11.86 -6.77
C TRP A 92 -3.78 -10.93 -6.53
N TYR A 93 -2.61 -11.51 -6.28
CA TYR A 93 -1.40 -10.73 -6.05
C TYR A 93 -0.24 -11.29 -6.86
N TYR A 94 0.60 -10.40 -7.36
CA TYR A 94 1.78 -10.79 -8.13
C TYR A 94 2.96 -11.08 -7.22
N ASP A 95 3.53 -12.28 -7.34
CA ASP A 95 4.76 -12.63 -6.64
C ASP A 95 5.98 -12.34 -7.50
N THR A 96 6.63 -11.21 -7.25
CA THR A 96 7.76 -10.77 -8.05
C THR A 96 8.93 -11.73 -7.91
N ASN A 97 9.14 -12.24 -6.70
CA ASN A 97 10.28 -13.08 -6.41
C ASN A 97 10.22 -14.39 -7.19
N ASN A 98 9.01 -14.93 -7.34
CA ASN A 98 8.80 -16.15 -8.11
C ASN A 98 8.21 -15.85 -9.48
N ALA A 99 7.89 -14.59 -9.71
CA ALA A 99 7.39 -14.15 -11.01
C ALA A 99 6.15 -14.93 -11.42
N THR A 100 5.14 -14.93 -10.54
CA THR A 100 3.91 -15.68 -10.79
C THR A 100 2.71 -14.98 -10.14
N CYS A 101 1.54 -15.17 -10.73
CA CYS A 101 0.30 -14.63 -10.17
C CYS A 101 -0.47 -15.69 -9.41
N GLU A 102 -0.80 -15.39 -8.15
CA GLU A 102 -1.52 -16.32 -7.31
C GLU A 102 -2.62 -15.62 -6.52
N MET A 103 -3.61 -16.39 -6.07
CA MET A 103 -4.73 -15.83 -5.32
C MET A 103 -4.56 -16.06 -3.83
N PHE A 104 -4.70 -14.99 -3.04
CA PHE A 104 -4.47 -15.06 -1.61
C PHE A 104 -5.68 -14.58 -0.83
N THR A 105 -5.70 -14.88 0.46
CA THR A 105 -6.80 -14.45 1.33
C THR A 105 -6.57 -13.06 1.87
N TYR A 106 -7.43 -12.12 1.47
CA TYR A 106 -7.28 -10.72 1.85
C TYR A 106 -7.88 -10.46 3.23
N GLY A 107 -7.06 -9.98 4.15
CA GLY A 107 -7.46 -9.87 5.54
C GLY A 107 -8.15 -8.55 5.83
N GLY A 108 -8.00 -7.59 4.92
CA GLY A 108 -8.70 -6.32 5.00
C GLY A 108 -7.83 -5.24 5.62
N ILE A 109 -6.51 -5.44 5.54
CA ILE A 109 -5.56 -4.50 6.11
C ILE A 109 -4.88 -3.67 5.02
N THR A 110 -5.59 -2.67 4.52
CA THR A 110 -5.05 -1.76 3.52
C THR A 110 -4.34 -2.54 2.41
N GLY A 111 -3.16 -2.08 2.03
CA GLY A 111 -2.36 -2.75 1.01
C GLY A 111 -1.66 -1.74 0.11
N ASN A 112 -1.36 -2.14 -1.11
CA ASN A 112 -0.65 -1.28 -2.06
C ASN A 112 -1.10 -1.55 -3.49
N LYS A 113 -0.40 -0.94 -4.44
CA LYS A 113 -0.83 -0.98 -5.84
C LYS A 113 -0.94 -2.41 -6.35
N ASN A 114 -0.09 -3.28 -5.82
CA ASN A 114 -0.13 -4.70 -6.18
C ASN A 114 -1.37 -5.38 -5.59
N ASN A 115 -2.49 -5.23 -6.28
CA ASN A 115 -3.76 -5.73 -5.77
C ASN A 115 -4.77 -5.92 -6.90
N PHE A 116 -4.93 -7.17 -7.34
CA PHE A 116 -5.75 -7.48 -8.50
C PHE A 116 -6.97 -8.31 -8.12
N GLU A 117 -7.96 -8.33 -9.00
CA GLU A 117 -9.17 -9.11 -8.78
C GLU A 117 -9.38 -10.13 -9.88
N SER A 118 -8.30 -10.48 -10.57
CA SER A 118 -8.36 -11.49 -11.63
C SER A 118 -6.96 -11.91 -12.07
N GLU A 119 -6.81 -13.17 -12.44
CA GLU A 119 -5.55 -13.67 -12.98
C GLU A 119 -5.13 -12.85 -14.20
N GLU A 120 -6.07 -12.56 -15.08
CA GLU A 120 -5.80 -11.78 -16.27
C GLU A 120 -5.22 -10.41 -15.91
N GLU A 121 -5.87 -9.73 -14.96
CA GLU A 121 -5.43 -8.42 -14.53
C GLU A 121 -3.99 -8.44 -14.07
N CYS A 122 -3.65 -9.43 -13.25
CA CYS A 122 -2.29 -9.56 -12.73
C CYS A 122 -1.29 -9.73 -13.85
N LYS A 123 -1.52 -10.70 -14.72
CA LYS A 123 -0.54 -11.09 -15.74
C LYS A 123 -0.43 -10.02 -16.82
N GLU A 124 -1.58 -9.49 -17.24
CA GLU A 124 -1.62 -8.53 -18.33
C GLU A 124 -1.01 -7.19 -17.90
N THR A 125 -1.20 -6.84 -16.64
CA THR A 125 -0.57 -5.64 -16.08
C THR A 125 0.95 -5.75 -16.13
N CYS A 126 1.47 -6.93 -15.80
CA CYS A 126 2.91 -7.19 -15.85
C CYS A 126 3.43 -7.13 -17.28
N LYS A 127 2.60 -7.57 -18.23
CA LYS A 127 2.92 -7.45 -19.64
C LYS A 127 3.01 -5.99 -20.06
N GLY A 128 2.11 -5.17 -19.52
CA GLY A 128 2.11 -3.74 -19.82
C GLY A 128 0.79 -3.30 -20.44
N PHE A 129 -0.29 -3.94 -20.01
CA PHE A 129 -1.62 -3.62 -20.52
C PHE A 129 -2.06 -2.23 -20.06
N SER A 130 -2.48 -1.41 -21.02
CA SER A 130 -2.92 -0.05 -20.71
C SER A 130 -3.77 0.51 -21.85
N GLU A 13 -0.45 15.62 -7.30
CA GLU A 13 0.27 14.35 -7.35
C GLU A 13 0.55 13.83 -5.94
N SER A 14 -0.50 13.37 -5.27
CA SER A 14 -0.38 12.91 -3.89
C SER A 14 0.41 11.60 -3.81
N TRP A 15 0.47 10.89 -4.93
CA TRP A 15 1.20 9.64 -4.99
C TRP A 15 2.69 9.85 -4.72
N VAL A 16 3.13 11.09 -4.87
CA VAL A 16 4.52 11.44 -4.58
C VAL A 16 4.86 11.22 -3.12
N SER A 17 3.92 11.54 -2.24
CA SER A 17 4.13 11.41 -0.80
C SER A 17 4.45 9.98 -0.41
N CYS A 18 3.82 9.03 -1.11
CA CYS A 18 4.03 7.61 -0.84
C CYS A 18 5.48 7.23 -1.05
N LEU A 19 6.17 7.97 -1.92
CA LEU A 19 7.55 7.66 -2.28
C LEU A 19 8.52 8.57 -1.55
N ASP A 20 8.01 9.39 -0.64
CA ASP A 20 8.83 10.30 0.13
C ASP A 20 9.26 9.68 1.45
N PRO A 21 10.28 10.24 2.07
CA PRO A 21 10.73 9.79 3.37
C PRO A 21 9.59 9.73 4.37
N GLU A 22 9.52 8.64 5.12
CA GLU A 22 8.41 8.41 6.04
C GLU A 22 8.28 9.53 7.04
N GLN A 23 7.04 9.89 7.38
CA GLN A 23 6.77 10.80 8.48
C GLN A 23 7.16 10.19 9.82
N VAL A 24 7.94 10.93 10.60
CA VAL A 24 8.45 10.42 11.86
C VAL A 24 7.35 10.37 12.91
N THR A 25 7.23 9.24 13.60
CA THR A 25 6.29 9.09 14.70
C THR A 25 6.57 10.11 15.80
N CYS A 26 5.53 10.80 16.25
CA CYS A 26 5.68 11.87 17.22
C CYS A 26 5.04 11.50 18.56
N GLU A 27 5.71 11.87 19.64
CA GLU A 27 5.22 11.56 20.99
C GLU A 27 4.08 12.48 21.38
N SER A 28 2.92 12.27 20.78
CA SER A 28 1.75 13.10 21.06
C SER A 28 0.46 12.33 20.81
N GLN A 29 -0.56 12.64 21.61
CA GLN A 29 -1.87 12.01 21.45
C GLN A 29 -2.86 12.97 20.81
N GLU A 30 -2.36 14.02 20.19
CA GLU A 30 -3.20 15.03 19.57
C GLU A 30 -3.97 14.46 18.39
N GLY A 31 -3.32 13.57 17.64
CA GLY A 31 -3.94 12.94 16.48
C GLY A 31 -3.00 11.95 15.82
N THR A 32 -3.47 11.32 14.75
CA THR A 32 -2.69 10.30 14.05
C THR A 32 -2.59 10.62 12.56
N HIS A 33 -1.86 9.78 11.84
CA HIS A 33 -1.71 9.94 10.39
C HIS A 33 -1.42 8.60 9.71
N ALA A 34 -1.67 8.55 8.41
CA ALA A 34 -1.32 7.37 7.62
C ALA A 34 -0.09 7.63 6.76
N SER A 35 0.78 6.64 6.66
CA SER A 35 2.05 6.79 5.95
C SER A 35 2.47 5.49 5.28
N TYR A 36 3.03 5.61 4.08
CA TYR A 36 3.50 4.44 3.34
C TYR A 36 4.88 4.01 3.81
N ASN A 37 4.92 2.89 4.53
CA ASN A 37 6.19 2.39 5.08
C ASN A 37 6.93 1.54 4.06
N ARG A 38 8.01 2.09 3.52
CA ARG A 38 8.69 1.48 2.38
C ARG A 38 9.44 0.22 2.78
N LYS A 39 9.66 0.07 4.09
CA LYS A 39 10.34 -1.11 4.61
C LYS A 39 9.41 -2.31 4.65
N THR A 40 8.11 -2.05 4.57
CA THR A 40 7.12 -3.11 4.59
C THR A 40 6.39 -3.21 3.26
N GLY A 41 6.36 -2.10 2.52
CA GLY A 41 5.73 -2.06 1.22
C GLY A 41 4.23 -1.85 1.34
N GLN A 42 3.81 -1.19 2.42
CA GLN A 42 2.40 -0.98 2.70
C GLN A 42 2.19 0.24 3.59
N CYS A 43 0.96 0.75 3.62
CA CYS A 43 0.65 1.94 4.38
C CYS A 43 0.10 1.59 5.77
N GLU A 44 0.54 2.33 6.77
CA GLU A 44 0.13 2.07 8.15
C GLU A 44 -0.19 3.36 8.88
N GLU A 45 -0.92 3.24 9.98
CA GLU A 45 -1.30 4.40 10.78
C GLU A 45 -0.34 4.60 11.94
N GLN A 46 0.18 5.81 12.08
CA GLN A 46 1.07 6.15 13.18
C GLN A 46 0.55 7.34 13.97
N LYS A 47 0.88 7.39 15.26
CA LYS A 47 0.54 8.53 16.10
C LYS A 47 1.54 9.67 15.90
N GLY A 48 1.02 10.89 15.85
CA GLY A 48 1.86 12.08 15.75
C GLY A 48 1.29 13.09 14.77
N THR A 49 1.68 14.35 14.92
CA THR A 49 1.19 15.42 14.06
C THR A 49 2.35 16.21 13.46
N GLU A 50 3.02 15.62 12.47
CA GLU A 50 4.08 16.31 11.74
C GLU A 50 5.14 16.83 12.69
N CYS A 51 5.94 15.91 13.24
CA CYS A 51 7.08 16.28 14.07
C CYS A 51 8.39 15.85 13.43
N GLY A 52 8.64 16.31 12.21
CA GLY A 52 9.86 15.97 11.50
C GLY A 52 9.63 14.79 10.56
N GLY A 53 10.53 14.62 9.60
CA GLY A 53 10.41 13.57 8.59
C GLY A 53 10.15 14.15 7.22
N GLY A 54 9.66 13.31 6.31
CA GLY A 54 9.35 13.74 4.95
C GLY A 54 7.89 14.15 4.82
N GLU A 55 7.39 14.17 3.58
CA GLU A 55 6.01 14.51 3.32
C GLU A 55 5.14 13.26 3.24
N ASN A 56 5.71 12.12 3.60
CA ASN A 56 5.01 10.84 3.51
C ASN A 56 4.03 10.67 4.67
N HIS A 57 2.88 11.34 4.56
CA HIS A 57 1.79 11.13 5.50
C HIS A 57 0.47 11.65 4.94
N PHE A 58 -0.63 11.05 5.39
CA PHE A 58 -1.94 11.34 4.83
C PHE A 58 -2.99 11.53 5.91
N GLU A 59 -4.10 12.17 5.55
CA GLU A 59 -5.16 12.45 6.51
C GLU A 59 -5.73 11.17 7.09
N THR A 60 -5.87 10.15 6.26
CA THR A 60 -6.38 8.86 6.70
C THR A 60 -5.85 7.73 5.83
N LEU A 61 -6.21 6.50 6.17
CA LEU A 61 -5.69 5.32 5.49
C LEU A 61 -6.19 5.24 4.06
N LEU A 62 -7.48 5.51 3.87
CA LEU A 62 -8.08 5.52 2.54
C LEU A 62 -7.32 6.43 1.60
N LYS A 63 -7.10 7.67 2.03
CA LYS A 63 -6.36 8.63 1.23
C LYS A 63 -4.96 8.13 0.92
N CYS A 64 -4.32 7.51 1.90
CA CYS A 64 -2.98 6.95 1.72
C CYS A 64 -2.98 5.87 0.65
N ASN A 65 -3.88 4.89 0.78
CA ASN A 65 -3.93 3.77 -0.13
C ASN A 65 -4.29 4.21 -1.55
N GLU A 66 -5.25 5.13 -1.65
CA GLU A 66 -5.70 5.62 -2.94
C GLU A 66 -4.61 6.43 -3.63
N SER A 67 -3.83 7.17 -2.84
CA SER A 67 -2.71 7.94 -3.37
C SER A 67 -1.61 7.02 -3.87
N CYS A 68 -1.26 6.01 -3.08
CA CYS A 68 -0.20 5.07 -3.43
C CYS A 68 -0.58 4.25 -4.66
N ASN A 69 -1.88 4.07 -4.86
CA ASN A 69 -2.38 3.33 -6.02
C ASN A 69 -2.01 4.02 -7.32
N ASP A 70 -1.79 5.33 -7.25
CA ASP A 70 -1.52 6.13 -8.44
C ASP A 70 -0.03 6.34 -8.64
N ALA A 71 0.78 5.66 -7.82
CA ALA A 71 2.23 5.76 -7.92
C ALA A 71 2.75 4.95 -9.11
N PRO A 72 3.89 5.38 -9.64
CA PRO A 72 4.50 4.68 -10.78
C PRO A 72 5.17 3.39 -10.33
N LYS A 73 5.33 3.24 -9.02
CA LYS A 73 5.95 2.04 -8.46
C LYS A 73 5.25 0.78 -8.94
N PRO A 74 6.03 -0.17 -9.47
CA PRO A 74 5.49 -1.42 -9.97
C PRO A 74 4.61 -2.09 -8.93
N PRO A 75 3.44 -2.57 -9.37
CA PRO A 75 2.50 -3.23 -8.48
C PRO A 75 3.17 -4.37 -7.72
N CYS A 76 4.10 -5.05 -8.38
CA CYS A 76 4.73 -6.23 -7.81
C CYS A 76 5.75 -5.85 -6.74
N SER A 77 6.03 -4.56 -6.63
CA SER A 77 6.95 -4.05 -5.62
C SER A 77 6.19 -3.62 -4.37
N LEU A 78 4.88 -3.76 -4.39
CA LEU A 78 4.04 -3.43 -3.25
C LEU A 78 3.56 -4.69 -2.54
N GLU A 79 3.30 -4.57 -1.24
CA GLU A 79 2.96 -5.72 -0.42
C GLU A 79 1.48 -6.08 -0.58
N VAL A 80 1.16 -7.36 -0.35
CA VAL A 80 -0.21 -7.83 -0.45
C VAL A 80 -1.13 -7.07 0.50
N ASP A 81 -2.24 -6.58 -0.04
CA ASP A 81 -3.23 -5.88 0.77
C ASP A 81 -4.64 -6.10 0.24
N TYR A 82 -5.34 -7.05 0.85
CA TYR A 82 -6.70 -7.38 0.42
C TYR A 82 -7.74 -6.76 1.35
N GLY A 83 -7.31 -5.76 2.12
CA GLY A 83 -8.23 -5.02 2.98
C GLY A 83 -8.50 -5.78 4.28
N VAL A 84 -9.28 -5.16 5.17
CA VAL A 84 -9.68 -5.80 6.40
C VAL A 84 -11.18 -5.69 6.62
N GLY A 85 -11.94 -5.96 5.57
CA GLY A 85 -13.39 -5.72 5.60
C GLY A 85 -14.15 -7.01 5.90
N ARG A 86 -15.23 -7.24 5.17
CA ARG A 86 -16.14 -8.34 5.47
C ARG A 86 -16.65 -9.00 4.20
N ALA A 87 -16.28 -8.43 3.06
CA ALA A 87 -16.68 -8.98 1.76
C ALA A 87 -15.88 -10.25 1.44
N ASN A 88 -16.36 -11.00 0.46
CA ASN A 88 -15.70 -12.24 0.06
C ASN A 88 -15.49 -12.28 -1.44
N ILE A 89 -14.54 -11.49 -1.94
CA ILE A 89 -14.26 -11.43 -3.36
C ILE A 89 -12.85 -11.98 -3.65
N PRO A 90 -12.79 -13.17 -4.22
CA PRO A 90 -11.53 -13.77 -4.60
C PRO A 90 -10.75 -12.88 -5.56
N ARG A 91 -9.54 -12.50 -5.18
CA ARG A 91 -8.68 -11.70 -6.04
C ARG A 91 -7.22 -12.12 -5.89
N TRP A 92 -6.40 -11.78 -6.88
CA TRP A 92 -5.03 -12.26 -6.96
C TRP A 92 -4.05 -11.21 -6.47
N TYR A 93 -3.12 -11.64 -5.62
CA TYR A 93 -2.10 -10.73 -5.10
C TYR A 93 -0.70 -11.34 -5.21
N TYR A 94 0.30 -10.49 -5.43
CA TYR A 94 1.67 -10.96 -5.57
C TYR A 94 2.38 -10.99 -4.22
N ASP A 95 2.86 -12.18 -3.85
CA ASP A 95 3.63 -12.34 -2.63
C ASP A 95 5.10 -12.00 -2.86
N THR A 96 5.54 -10.89 -2.26
CA THR A 96 6.87 -10.35 -2.53
C THR A 96 7.95 -11.16 -1.81
N ASN A 97 7.54 -11.86 -0.76
CA ASN A 97 8.47 -12.62 0.07
C ASN A 97 8.73 -14.00 -0.51
N ASN A 98 7.70 -14.59 -1.12
CA ASN A 98 7.83 -15.91 -1.73
C ASN A 98 7.88 -15.80 -3.25
N ALA A 99 7.71 -14.58 -3.76
CA ALA A 99 7.79 -14.33 -5.19
C ALA A 99 6.82 -15.21 -5.96
N THR A 100 5.55 -15.18 -5.55
CA THR A 100 4.53 -16.01 -6.16
C THR A 100 3.15 -15.35 -6.09
N CYS A 101 2.28 -15.71 -7.03
CA CYS A 101 0.94 -15.14 -7.07
C CYS A 101 -0.07 -16.06 -6.39
N GLU A 102 -0.83 -15.50 -5.46
CA GLU A 102 -1.80 -16.28 -4.70
C GLU A 102 -3.15 -15.58 -4.65
N MET A 103 -4.21 -16.34 -4.35
CA MET A 103 -5.55 -15.79 -4.26
C MET A 103 -5.92 -15.48 -2.81
N PHE A 104 -6.41 -14.27 -2.58
CA PHE A 104 -6.81 -13.85 -1.24
C PHE A 104 -8.26 -13.35 -1.23
N THR A 105 -8.85 -13.29 -0.05
CA THR A 105 -10.23 -12.84 0.10
C THR A 105 -10.30 -11.33 0.28
N TYR A 106 -10.72 -10.64 -0.76
CA TYR A 106 -10.83 -9.18 -0.72
C TYR A 106 -11.98 -8.74 0.18
N GLY A 107 -11.66 -7.91 1.17
CA GLY A 107 -12.64 -7.55 2.20
C GLY A 107 -13.44 -6.32 1.79
N GLY A 108 -12.96 -5.62 0.78
CA GLY A 108 -13.68 -4.47 0.22
C GLY A 108 -13.17 -3.17 0.83
N ILE A 109 -11.94 -3.19 1.32
CA ILE A 109 -11.36 -2.03 1.98
C ILE A 109 -10.16 -1.50 1.19
N THR A 110 -10.42 -0.60 0.25
CA THR A 110 -9.36 0.05 -0.51
C THR A 110 -8.34 -0.96 -1.00
N GLY A 111 -7.05 -0.64 -0.82
CA GLY A 111 -5.98 -1.49 -1.31
C GLY A 111 -4.95 -0.67 -2.09
N ASN A 112 -3.91 -1.35 -2.57
CA ASN A 112 -2.84 -0.69 -3.31
C ASN A 112 -2.66 -1.30 -4.69
N LYS A 113 -1.56 -0.95 -5.35
CA LYS A 113 -1.35 -1.33 -6.73
C LYS A 113 -1.29 -2.85 -6.88
N ASN A 114 -0.79 -3.52 -5.84
CA ASN A 114 -0.73 -4.97 -5.82
C ASN A 114 -2.12 -5.58 -5.68
N ASN A 115 -2.82 -5.71 -6.80
CA ASN A 115 -4.20 -6.18 -6.78
C ASN A 115 -4.69 -6.52 -8.19
N PHE A 116 -4.73 -7.80 -8.50
CA PHE A 116 -4.90 -8.25 -9.88
C PHE A 116 -6.20 -9.02 -10.07
N GLU A 117 -6.73 -8.99 -11.29
CA GLU A 117 -7.97 -9.70 -11.59
C GLU A 117 -7.71 -11.19 -11.84
N SER A 118 -6.50 -11.50 -12.31
CA SER A 118 -6.16 -12.86 -12.69
C SER A 118 -4.70 -13.17 -12.38
N GLU A 119 -4.38 -14.46 -12.28
CA GLU A 119 -3.00 -14.89 -12.11
C GLU A 119 -2.13 -14.40 -13.25
N GLU A 120 -2.69 -14.40 -14.46
CA GLU A 120 -1.98 -13.90 -15.64
C GLU A 120 -1.51 -12.47 -15.42
N GLU A 121 -2.43 -11.60 -15.02
CA GLU A 121 -2.11 -10.20 -14.77
C GLU A 121 -1.01 -10.06 -13.72
N CYS A 122 -1.12 -10.84 -12.66
CA CYS A 122 -0.11 -10.83 -11.60
C CYS A 122 1.27 -11.11 -12.15
N LYS A 123 1.42 -12.25 -12.81
CA LYS A 123 2.73 -12.71 -13.25
C LYS A 123 3.27 -11.83 -14.36
N GLU A 124 2.41 -11.46 -15.30
CA GLU A 124 2.82 -10.69 -16.47
C GLU A 124 3.23 -9.27 -16.08
N THR A 125 2.55 -8.72 -15.09
CA THR A 125 2.91 -7.43 -14.53
C THR A 125 4.30 -7.47 -13.92
N CYS A 126 4.60 -8.55 -13.19
CA CYS A 126 5.91 -8.73 -12.59
C CYS A 126 6.98 -8.90 -13.66
N LYS A 127 6.63 -9.53 -14.77
CA LYS A 127 7.50 -9.62 -15.93
C LYS A 127 7.79 -8.25 -16.52
N GLY A 128 6.76 -7.40 -16.55
CA GLY A 128 6.91 -6.04 -17.05
C GLY A 128 5.97 -5.77 -18.22
N PHE A 129 4.78 -6.39 -18.17
CA PHE A 129 3.79 -6.21 -19.22
C PHE A 129 2.49 -5.63 -18.66
N SER A 130 1.80 -4.82 -19.46
CA SER A 130 0.55 -4.23 -19.04
C SER A 130 -0.23 -3.68 -20.24
#